data_1C95
# 
_entry.id   1C95 
# 
_audit_conform.dict_name       mmcif_pdbx.dic 
_audit_conform.dict_version    5.392 
_audit_conform.dict_location   http://mmcif.pdb.org/dictionaries/ascii/mmcif_pdbx.dic 
# 
loop_
_database_2.database_id 
_database_2.database_code 
_database_2.pdbx_database_accession 
_database_2.pdbx_DOI 
PDB   1C95         pdb_00001c95 10.2210/pdb1c95/pdb 
RCSB  RCSB009447   ?            ?                   
WWPDB D_1000009447 ?            ?                   
# 
loop_
_pdbx_audit_revision_history.ordinal 
_pdbx_audit_revision_history.data_content_type 
_pdbx_audit_revision_history.major_revision 
_pdbx_audit_revision_history.minor_revision 
_pdbx_audit_revision_history.revision_date 
1 'Structure model' 1 0 1999-10-08 
2 'Structure model' 1 1 2008-04-27 
3 'Structure model' 1 2 2011-07-13 
4 'Structure model' 1 3 2022-02-16 
5 'Structure model' 1 4 2024-05-22 
# 
_pdbx_audit_revision_details.ordinal             1 
_pdbx_audit_revision_details.revision_ordinal    1 
_pdbx_audit_revision_details.data_content_type   'Structure model' 
_pdbx_audit_revision_details.provider            repository 
_pdbx_audit_revision_details.type                'Initial release' 
_pdbx_audit_revision_details.description         ? 
_pdbx_audit_revision_details.details             ? 
# 
loop_
_pdbx_audit_revision_group.ordinal 
_pdbx_audit_revision_group.revision_ordinal 
_pdbx_audit_revision_group.data_content_type 
_pdbx_audit_revision_group.group 
1 2 'Structure model' 'Version format compliance' 
2 3 'Structure model' 'Version format compliance' 
3 4 'Structure model' 'Data collection'           
4 4 'Structure model' 'Database references'       
5 4 'Structure model' 'Derived calculations'      
6 5 'Structure model' 'Data collection'           
# 
loop_
_pdbx_audit_revision_category.ordinal 
_pdbx_audit_revision_category.revision_ordinal 
_pdbx_audit_revision_category.data_content_type 
_pdbx_audit_revision_category.category 
1 4 'Structure model' database_2            
2 4 'Structure model' pdbx_nmr_software     
3 4 'Structure model' pdbx_struct_assembly  
4 4 'Structure model' pdbx_struct_oper_list 
5 4 'Structure model' struct_conn           
6 4 'Structure model' struct_site           
7 5 'Structure model' chem_comp_atom        
8 5 'Structure model' chem_comp_bond        
# 
loop_
_pdbx_audit_revision_item.ordinal 
_pdbx_audit_revision_item.revision_ordinal 
_pdbx_audit_revision_item.data_content_type 
_pdbx_audit_revision_item.item 
1  4 'Structure model' '_database_2.pdbx_DOI'                
2  4 'Structure model' '_database_2.pdbx_database_accession' 
3  4 'Structure model' '_pdbx_nmr_software.name'             
4  4 'Structure model' '_struct_conn.pdbx_dist_value'        
5  4 'Structure model' '_struct_conn.pdbx_leaving_atom_flag' 
6  4 'Structure model' '_struct_conn.ptnr1_auth_asym_id'     
7  4 'Structure model' '_struct_conn.ptnr1_auth_comp_id'     
8  4 'Structure model' '_struct_conn.ptnr1_auth_seq_id'      
9  4 'Structure model' '_struct_conn.ptnr1_label_asym_id'    
10 4 'Structure model' '_struct_conn.ptnr1_label_atom_id'    
11 4 'Structure model' '_struct_conn.ptnr1_label_comp_id'    
12 4 'Structure model' '_struct_conn.ptnr1_label_seq_id'     
13 4 'Structure model' '_struct_conn.ptnr2_auth_asym_id'     
14 4 'Structure model' '_struct_conn.ptnr2_auth_comp_id'     
15 4 'Structure model' '_struct_conn.ptnr2_auth_seq_id'      
16 4 'Structure model' '_struct_conn.ptnr2_label_asym_id'    
17 4 'Structure model' '_struct_conn.ptnr2_label_atom_id'    
18 4 'Structure model' '_struct_conn.ptnr2_label_comp_id'    
19 4 'Structure model' '_struct_conn.ptnr2_label_seq_id'     
20 4 'Structure model' '_struct_site.pdbx_auth_asym_id'      
21 4 'Structure model' '_struct_site.pdbx_auth_comp_id'      
22 4 'Structure model' '_struct_site.pdbx_auth_seq_id'       
# 
_pdbx_database_status.status_code                     REL 
_pdbx_database_status.entry_id                        1C95 
_pdbx_database_status.recvd_initial_deposition_date   1999-07-31 
_pdbx_database_status.deposit_site                    RCSB 
_pdbx_database_status.process_site                    RCSB 
_pdbx_database_status.SG_entry                        . 
_pdbx_database_status.status_code_sf                  ? 
_pdbx_database_status.status_code_mr                  ? 
_pdbx_database_status.pdb_format_compatible           Y 
_pdbx_database_status.status_code_cs                  ? 
_pdbx_database_status.status_code_nmr_data            ? 
_pdbx_database_status.methods_development_category    ? 
# 
loop_
_audit_author.name 
_audit_author.pdbx_ordinal 
'Ho, W.C.'      1 
'Steinbeck, C.' 2 
'Richert, C.'   3 
# 
_citation.id                        primary 
_citation.title                     'Solution structure of the aminoacyl-capped oligodeoxyribonucleotide duplex (W-TGCGCAC)(2).' 
_citation.journal_abbrev            Biochemistry 
_citation.journal_volume            38 
_citation.page_first                12597 
_citation.page_last                 12606 
_citation.year                      1999 
_citation.journal_id_ASTM           BICHAW 
_citation.country                   US 
_citation.journal_id_ISSN           0006-2960 
_citation.journal_id_CSD            0033 
_citation.book_publisher            ? 
_citation.pdbx_database_id_PubMed   10504228 
_citation.pdbx_database_id_DOI      10.1021/bi991169w 
# 
loop_
_citation_author.citation_id 
_citation_author.name 
_citation_author.ordinal 
_citation_author.identifier_ORCID 
primary 'Ho, W.C.'      1 ? 
primary 'Steinbeck, C.' 2 ? 
primary 'Richert, C.'   3 ? 
# 
loop_
_entity.id 
_entity.type 
_entity.src_method 
_entity.pdbx_description 
_entity.formula_weight 
_entity.pdbx_number_of_molecules 
_entity.pdbx_ec 
_entity.pdbx_mutation 
_entity.pdbx_fragment 
_entity.details 
1 polymer     syn "5'-D((5AT)TP*GP*CP*GP*CP*AP*C)-3'" 2017.435 2 ? ? ? ? 
2 non-polymer syn TRYPTOPHAN                          204.225  2 ? ? ? ? 
# 
_entity_poly.entity_id                      1 
_entity_poly.type                           polydeoxyribonucleotide 
_entity_poly.nstd_linkage                   no 
_entity_poly.nstd_monomer                   yes 
_entity_poly.pdbx_seq_one_letter_code       '(5AT)(DG)(DC)(DG)(DC)(DA)(DC)' 
_entity_poly.pdbx_seq_one_letter_code_can   TGCGCAC 
_entity_poly.pdbx_strand_id                 A,B 
_entity_poly.pdbx_target_identifier         ? 
# 
_pdbx_entity_nonpoly.entity_id   2 
_pdbx_entity_nonpoly.name        TRYPTOPHAN 
_pdbx_entity_nonpoly.comp_id     TRP 
# 
loop_
_entity_poly_seq.entity_id 
_entity_poly_seq.num 
_entity_poly_seq.mon_id 
_entity_poly_seq.hetero 
1 1 5AT n 
1 2 DG  n 
1 3 DC  n 
1 4 DG  n 
1 5 DC  n 
1 6 DA  n 
1 7 DC  n 
# 
loop_
_chem_comp.id 
_chem_comp.type 
_chem_comp.mon_nstd_flag 
_chem_comp.name 
_chem_comp.pdbx_synonyms 
_chem_comp.formula 
_chem_comp.formula_weight 
5AT 'DNA linking'       n "5'-AMINO-5'-DEOXYTHYMIDINE"         ? 'C10 H15 N3 O4'   241.244 
DA  'DNA linking'       y "2'-DEOXYADENOSINE-5'-MONOPHOSPHATE" ? 'C10 H14 N5 O6 P' 331.222 
DC  'DNA linking'       y "2'-DEOXYCYTIDINE-5'-MONOPHOSPHATE"  ? 'C9 H14 N3 O7 P'  307.197 
DG  'DNA linking'       y "2'-DEOXYGUANOSINE-5'-MONOPHOSPHATE" ? 'C10 H14 N5 O7 P' 347.221 
TRP 'L-peptide linking' y TRYPTOPHAN                           ? 'C11 H12 N2 O2'   204.225 
# 
loop_
_pdbx_poly_seq_scheme.asym_id 
_pdbx_poly_seq_scheme.entity_id 
_pdbx_poly_seq_scheme.seq_id 
_pdbx_poly_seq_scheme.mon_id 
_pdbx_poly_seq_scheme.ndb_seq_num 
_pdbx_poly_seq_scheme.pdb_seq_num 
_pdbx_poly_seq_scheme.auth_seq_num 
_pdbx_poly_seq_scheme.pdb_mon_id 
_pdbx_poly_seq_scheme.auth_mon_id 
_pdbx_poly_seq_scheme.pdb_strand_id 
_pdbx_poly_seq_scheme.pdb_ins_code 
_pdbx_poly_seq_scheme.hetero 
A 1 1 5AT 1 1 1 5AT 5AT A . n 
A 1 2 DG  2 2 2 DG  DG  A . n 
A 1 3 DC  3 3 3 DC  DC  A . n 
A 1 4 DG  4 4 4 DG  DG  A . n 
A 1 5 DC  5 5 5 DC  DC  A . n 
A 1 6 DA  6 6 6 DA  DA  A . n 
A 1 7 DC  7 7 7 DC  DC  A . n 
B 1 1 5AT 1 1 1 5AT 5AT B . n 
B 1 2 DG  2 2 2 DG  DG  B . n 
B 1 3 DC  3 3 3 DC  DC  B . n 
B 1 4 DG  4 4 4 DG  DG  B . n 
B 1 5 DC  5 5 5 DC  DC  B . n 
B 1 6 DA  6 6 6 DA  DA  B . n 
B 1 7 DC  7 7 7 DC  DC  B . n 
# 
loop_
_pdbx_nonpoly_scheme.asym_id 
_pdbx_nonpoly_scheme.entity_id 
_pdbx_nonpoly_scheme.mon_id 
_pdbx_nonpoly_scheme.ndb_seq_num 
_pdbx_nonpoly_scheme.pdb_seq_num 
_pdbx_nonpoly_scheme.auth_seq_num 
_pdbx_nonpoly_scheme.pdb_mon_id 
_pdbx_nonpoly_scheme.auth_mon_id 
_pdbx_nonpoly_scheme.pdb_strand_id 
_pdbx_nonpoly_scheme.pdb_ins_code 
C 2 TRP 1 0 0 TRP TRP A . 
D 2 TRP 1 0 0 TRP TRP B . 
# 
_cell.entry_id           1C95 
_cell.length_a           1.000 
_cell.length_b           1.000 
_cell.length_c           1.000 
_cell.angle_alpha        90.00 
_cell.angle_beta         90.00 
_cell.angle_gamma        90.00 
_cell.Z_PDB              1 
_cell.pdbx_unique_axis   ? 
# 
_exptl.entry_id          1C95 
_exptl.method            'SOLUTION NMR' 
_exptl.crystals_number   ? 
# 
_struct.entry_id                  1C95 
_struct.title                     'Solution structure of the aminoacyl-capped oligodeoxyribonucleotide duplex TRP-D(TGCGCAC)2' 
_struct.pdbx_model_details        ? 
_struct.pdbx_CASP_flag            ? 
_struct.pdbx_model_type_details   ? 
# 
_struct_keywords.entry_id        1C95 
_struct_keywords.pdbx_keywords   DNA 
_struct_keywords.text            'DOUBLE HELIX, Aminoacyl-Capped DNA, DNA' 
# 
loop_
_struct_asym.id 
_struct_asym.pdbx_blank_PDB_chainid_flag 
_struct_asym.pdbx_modified 
_struct_asym.entity_id 
_struct_asym.details 
A N N 1 ? 
B N N 1 ? 
C N N 2 ? 
D N N 2 ? 
# 
_struct_ref.id                         1 
_struct_ref.db_name                    PDB 
_struct_ref.db_code                    1C95 
_struct_ref.pdbx_db_accession          1C95 
_struct_ref.entity_id                  1 
_struct_ref.pdbx_db_isoform            ? 
_struct_ref.pdbx_seq_one_letter_code   ? 
_struct_ref.pdbx_align_begin           ? 
# 
loop_
_struct_ref_seq.align_id 
_struct_ref_seq.ref_id 
_struct_ref_seq.pdbx_PDB_id_code 
_struct_ref_seq.pdbx_strand_id 
_struct_ref_seq.seq_align_beg 
_struct_ref_seq.pdbx_seq_align_beg_ins_code 
_struct_ref_seq.seq_align_end 
_struct_ref_seq.pdbx_seq_align_end_ins_code 
_struct_ref_seq.pdbx_db_accession 
_struct_ref_seq.db_align_beg 
_struct_ref_seq.pdbx_db_align_beg_ins_code 
_struct_ref_seq.db_align_end 
_struct_ref_seq.pdbx_db_align_end_ins_code 
_struct_ref_seq.pdbx_auth_seq_align_beg 
_struct_ref_seq.pdbx_auth_seq_align_end 
1 1 1C95 A 1 ? 7 ? 1C95 1 ? 7 ? 1 7 
2 1 1C95 B 1 ? 7 ? 1C95 1 ? 7 ? 1 7 
# 
_pdbx_struct_assembly.id                   1 
_pdbx_struct_assembly.details              author_defined_assembly 
_pdbx_struct_assembly.method_details       ? 
_pdbx_struct_assembly.oligomeric_details   dimeric 
_pdbx_struct_assembly.oligomeric_count     2 
# 
_pdbx_struct_assembly_gen.assembly_id       1 
_pdbx_struct_assembly_gen.oper_expression   1 
_pdbx_struct_assembly_gen.asym_id_list      A,B,C,D 
# 
_pdbx_struct_oper_list.id                   1 
_pdbx_struct_oper_list.type                 'identity operation' 
_pdbx_struct_oper_list.name                 1_555 
_pdbx_struct_oper_list.symmetry_operation   x,y,z 
_pdbx_struct_oper_list.matrix[1][1]         1.0000000000 
_pdbx_struct_oper_list.matrix[1][2]         0.0000000000 
_pdbx_struct_oper_list.matrix[1][3]         0.0000000000 
_pdbx_struct_oper_list.vector[1]            0.0000000000 
_pdbx_struct_oper_list.matrix[2][1]         0.0000000000 
_pdbx_struct_oper_list.matrix[2][2]         1.0000000000 
_pdbx_struct_oper_list.matrix[2][3]         0.0000000000 
_pdbx_struct_oper_list.vector[2]            0.0000000000 
_pdbx_struct_oper_list.matrix[3][1]         0.0000000000 
_pdbx_struct_oper_list.matrix[3][2]         0.0000000000 
_pdbx_struct_oper_list.matrix[3][3]         1.0000000000 
_pdbx_struct_oper_list.vector[3]            0.0000000000 
# 
_struct_biol.id        1 
_struct_biol.details   ? 
# 
loop_
_struct_conn.id 
_struct_conn.conn_type_id 
_struct_conn.pdbx_leaving_atom_flag 
_struct_conn.pdbx_PDB_id 
_struct_conn.ptnr1_label_asym_id 
_struct_conn.ptnr1_label_comp_id 
_struct_conn.ptnr1_label_seq_id 
_struct_conn.ptnr1_label_atom_id 
_struct_conn.pdbx_ptnr1_label_alt_id 
_struct_conn.pdbx_ptnr1_PDB_ins_code 
_struct_conn.pdbx_ptnr1_standard_comp_id 
_struct_conn.ptnr1_symmetry 
_struct_conn.ptnr2_label_asym_id 
_struct_conn.ptnr2_label_comp_id 
_struct_conn.ptnr2_label_seq_id 
_struct_conn.ptnr2_label_atom_id 
_struct_conn.pdbx_ptnr2_label_alt_id 
_struct_conn.pdbx_ptnr2_PDB_ins_code 
_struct_conn.ptnr1_auth_asym_id 
_struct_conn.ptnr1_auth_comp_id 
_struct_conn.ptnr1_auth_seq_id 
_struct_conn.ptnr2_auth_asym_id 
_struct_conn.ptnr2_auth_comp_id 
_struct_conn.ptnr2_auth_seq_id 
_struct_conn.ptnr2_symmetry 
_struct_conn.pdbx_ptnr3_label_atom_id 
_struct_conn.pdbx_ptnr3_label_seq_id 
_struct_conn.pdbx_ptnr3_label_comp_id 
_struct_conn.pdbx_ptnr3_label_asym_id 
_struct_conn.pdbx_ptnr3_label_alt_id 
_struct_conn.pdbx_ptnr3_PDB_ins_code 
_struct_conn.details 
_struct_conn.pdbx_dist_value 
_struct_conn.pdbx_value_order 
_struct_conn.pdbx_role 
covale1  covale one  ? C TRP . C     ? ? ? 1_555 A 5AT 1 "N5'" ? ? A TRP 0 A 5AT 1 1_555 ? ? ? ? ? ? ?            1.334 ? ? 
covale2  covale both ? A 5AT 1 "O3'" ? ? ? 1_555 A DG  2 P     ? ? A 5AT 1 A DG  2 1_555 ? ? ? ? ? ? ?            1.608 ? ? 
covale3  covale one  ? D TRP . C     ? ? ? 1_555 B 5AT 1 "N5'" ? ? B TRP 0 B 5AT 1 1_555 ? ? ? ? ? ? ?            1.334 ? ? 
covale4  covale both ? B 5AT 1 "O3'" ? ? ? 1_555 B DG  2 P     ? ? B 5AT 1 B DG  2 1_555 ? ? ? ? ? ? ?            1.608 ? ? 
hydrog1  hydrog ?    ? A 5AT 1 N3    ? ? ? 1_555 B DA  6 N1    ? ? A 5AT 1 B DA  6 1_555 ? ? ? ? ? ? WATSON-CRICK ?     ? ? 
hydrog2  hydrog ?    ? A 5AT 1 O4    ? ? ? 1_555 B DA  6 N6    ? ? A 5AT 1 B DA  6 1_555 ? ? ? ? ? ? WATSON-CRICK ?     ? ? 
hydrog3  hydrog ?    ? A DG  2 N1    ? ? ? 1_555 B DC  5 N3    ? ? A DG  2 B DC  5 1_555 ? ? ? ? ? ? WATSON-CRICK ?     ? ? 
hydrog4  hydrog ?    ? A DG  2 N2    ? ? ? 1_555 B DC  5 O2    ? ? A DG  2 B DC  5 1_555 ? ? ? ? ? ? WATSON-CRICK ?     ? ? 
hydrog5  hydrog ?    ? A DG  2 O6    ? ? ? 1_555 B DC  5 N4    ? ? A DG  2 B DC  5 1_555 ? ? ? ? ? ? WATSON-CRICK ?     ? ? 
hydrog6  hydrog ?    ? A DC  3 N3    ? ? ? 1_555 B DG  4 N1    ? ? A DC  3 B DG  4 1_555 ? ? ? ? ? ? WATSON-CRICK ?     ? ? 
hydrog7  hydrog ?    ? A DC  3 N4    ? ? ? 1_555 B DG  4 O6    ? ? A DC  3 B DG  4 1_555 ? ? ? ? ? ? WATSON-CRICK ?     ? ? 
hydrog8  hydrog ?    ? A DC  3 O2    ? ? ? 1_555 B DG  4 N2    ? ? A DC  3 B DG  4 1_555 ? ? ? ? ? ? WATSON-CRICK ?     ? ? 
hydrog9  hydrog ?    ? A DG  4 N1    ? ? ? 1_555 B DC  3 N3    ? ? A DG  4 B DC  3 1_555 ? ? ? ? ? ? WATSON-CRICK ?     ? ? 
hydrog10 hydrog ?    ? A DG  4 N2    ? ? ? 1_555 B DC  3 O2    ? ? A DG  4 B DC  3 1_555 ? ? ? ? ? ? WATSON-CRICK ?     ? ? 
hydrog11 hydrog ?    ? A DG  4 O6    ? ? ? 1_555 B DC  3 N4    ? ? A DG  4 B DC  3 1_555 ? ? ? ? ? ? WATSON-CRICK ?     ? ? 
hydrog12 hydrog ?    ? A DC  5 N3    ? ? ? 1_555 B DG  2 N1    ? ? A DC  5 B DG  2 1_555 ? ? ? ? ? ? WATSON-CRICK ?     ? ? 
hydrog13 hydrog ?    ? A DC  5 N4    ? ? ? 1_555 B DG  2 O6    ? ? A DC  5 B DG  2 1_555 ? ? ? ? ? ? WATSON-CRICK ?     ? ? 
hydrog14 hydrog ?    ? A DC  5 O2    ? ? ? 1_555 B DG  2 N2    ? ? A DC  5 B DG  2 1_555 ? ? ? ? ? ? WATSON-CRICK ?     ? ? 
hydrog15 hydrog ?    ? A DA  6 N1    ? ? ? 1_555 B 5AT 1 N3    ? ? A DA  6 B 5AT 1 1_555 ? ? ? ? ? ? WATSON-CRICK ?     ? ? 
hydrog16 hydrog ?    ? A DA  6 N6    ? ? ? 1_555 B 5AT 1 O4    ? ? A DA  6 B 5AT 1 1_555 ? ? ? ? ? ? WATSON-CRICK ?     ? ? 
# 
loop_
_struct_conn_type.id 
_struct_conn_type.criteria 
_struct_conn_type.reference 
covale ? ? 
hydrog ? ? 
# 
loop_
_struct_site.id 
_struct_site.pdbx_evidence_code 
_struct_site.pdbx_auth_asym_id 
_struct_site.pdbx_auth_comp_id 
_struct_site.pdbx_auth_seq_id 
_struct_site.pdbx_auth_ins_code 
_struct_site.pdbx_num_residues 
_struct_site.details 
AC1 Software A TRP 0 ? 2 'BINDING SITE FOR RESIDUE TRP A 0' 
AC2 Software B TRP 0 ? 2 'BINDING SITE FOR RESIDUE TRP B 0' 
# 
loop_
_struct_site_gen.id 
_struct_site_gen.site_id 
_struct_site_gen.pdbx_num_res 
_struct_site_gen.label_comp_id 
_struct_site_gen.label_asym_id 
_struct_site_gen.label_seq_id 
_struct_site_gen.pdbx_auth_ins_code 
_struct_site_gen.auth_comp_id 
_struct_site_gen.auth_asym_id 
_struct_site_gen.auth_seq_id 
_struct_site_gen.label_atom_id 
_struct_site_gen.label_alt_id 
_struct_site_gen.symmetry 
_struct_site_gen.details 
1 AC1 2 5AT A 1 ? 5AT A 1 . ? 1_555 ? 
2 AC1 2 DA  B 6 ? DA  B 6 . ? 1_555 ? 
3 AC2 2 DA  A 6 ? DA  A 6 . ? 1_555 ? 
4 AC2 2 5AT B 1 ? 5AT B 1 . ? 1_555 ? 
# 
loop_
_pdbx_struct_mod_residue.id 
_pdbx_struct_mod_residue.label_asym_id 
_pdbx_struct_mod_residue.label_comp_id 
_pdbx_struct_mod_residue.label_seq_id 
_pdbx_struct_mod_residue.auth_asym_id 
_pdbx_struct_mod_residue.auth_comp_id 
_pdbx_struct_mod_residue.auth_seq_id 
_pdbx_struct_mod_residue.PDB_ins_code 
_pdbx_struct_mod_residue.parent_comp_id 
_pdbx_struct_mod_residue.details 
1 A 5AT 1 A 5AT 1 ? DT "5'-AMINO-5'-DEOXYTHYMIDINE" 
2 B 5AT 1 B 5AT 1 ? DT "5'-AMINO-5'-DEOXYTHYMIDINE" 
# 
_pdbx_nmr_ensemble.entry_id                             1C95 
_pdbx_nmr_ensemble.conformers_calculated_total_number   ? 
_pdbx_nmr_ensemble.conformers_submitted_total_number    1 
_pdbx_nmr_ensemble.conformer_selection_criteria         ? 
# 
_pdbx_nmr_representative.entry_id             1C95 
_pdbx_nmr_representative.conformer_id         1 
_pdbx_nmr_representative.selection_criteria   'lowest energy' 
# 
loop_
_pdbx_nmr_sample_details.solution_id 
_pdbx_nmr_sample_details.contents 
_pdbx_nmr_sample_details.solvent_system 
1 '4 MM TRP-TGCGCAC IN 150 MM NACL AND 10 MM PHOSPHATE BUFFER (KH2PO4/K2HPO4) AT PH 7.0 (UNCORRECTED FOR DEUTERIUM EFFECT)' ? 
2 '4 MM TRP-TGCGCAC IN 150 MM NACL AND 10 MM PHOSPHATE BUFFER (KH2PO4/K2HPO4) AT PH 7.0 (UNCORRECTED FOR DEUTERIUM EFFECT)' ? 
# 
loop_
_pdbx_nmr_exptl_sample_conditions.conditions_id 
_pdbx_nmr_exptl_sample_conditions.temperature 
_pdbx_nmr_exptl_sample_conditions.pressure 
_pdbx_nmr_exptl_sample_conditions.pH 
_pdbx_nmr_exptl_sample_conditions.ionic_strength 
_pdbx_nmr_exptl_sample_conditions.pressure_units 
_pdbx_nmr_exptl_sample_conditions.temperature_units 
1 283 AMBIENT 7 '160 mM' ? K 
2 283 AMBIENT 7 '160 mM' ? K 
# 
loop_
_pdbx_nmr_exptl.experiment_id 
_pdbx_nmr_exptl.conditions_id 
_pdbx_nmr_exptl.type 
_pdbx_nmr_exptl.solution_id 
1 1 '2D NOESY' 1 
2 1 DQF-COSY   1 
3 1 TOCSY      1 
4 1 '2D NOESY' 2 
5 1 ?          2 
# 
_pdbx_nmr_details.entry_id   1C95 
_pdbx_nmr_details.text       'CONSTRAINTS WERE GENERATED USING STANDARD 2D HOMONUCLEAR TECHNIQUES.' 
# 
_pdbx_nmr_refine.entry_id           1C95 
_pdbx_nmr_refine.method             'TORSION-ANGLE MOLECULAR DYNAMICS FOLLOWED BY CARTESIAN MOLECULAR DYNAMICS' 
_pdbx_nmr_refine.details            'SEE TABLE 5 IN PAPER' 
_pdbx_nmr_refine.software_ordinal   1 
# 
loop_
_pdbx_nmr_software.classification 
_pdbx_nmr_software.name 
_pdbx_nmr_software.version 
_pdbx_nmr_software.authors 
_pdbx_nmr_software.ordinal 
collection           RNMR    1998 'RUBEN, D. ET AL. (MIT BITTER LABS)'                           1 
collection           XwinNMR 1998 BRUKER                                                         2 
'data analysis'      Gifa    4.10 
;MARC-ANDRE' DELSUC, MONTPELLIER, FRANCE
;
3 
'structure solution' CNS     0.4  'BRUENGER, A.; GROSSE-KUNSTLEVE, R.W. ET AL.; YALE UNIVERSITY' 4 
refinement           X-PLOR  3.1  'BRUENGER, A., ET AL. YALE UNIVERSITY'                         5 
# 
loop_
_chem_comp_atom.comp_id 
_chem_comp_atom.atom_id 
_chem_comp_atom.type_symbol 
_chem_comp_atom.pdbx_aromatic_flag 
_chem_comp_atom.pdbx_stereo_config 
_chem_comp_atom.pdbx_ordinal 
5AT "N5'"  N N N 1   
5AT N1     N N N 2   
5AT C6     C N N 3   
5AT C2     C N N 4   
5AT O2     O N N 5   
5AT N3     N N N 6   
5AT C4     C N N 7   
5AT O4     O N N 8   
5AT C5     C N N 9   
5AT C7     C N N 10  
5AT "C2'"  C N N 11  
5AT "C5'"  C N N 12  
5AT "C4'"  C N R 13  
5AT "O4'"  O N N 14  
5AT "C1'"  C N R 15  
5AT "C3'"  C N S 16  
5AT "O3'"  O N N 17  
5AT HN51   H N N 18  
5AT HN52   H N N 19  
5AT H6     H N N 20  
5AT H3     H N N 21  
5AT H71    H N N 22  
5AT H72    H N N 23  
5AT H73    H N N 24  
5AT "H2'"  H N N 25  
5AT "H2''" H N N 26  
5AT "H5'"  H N N 27  
5AT "H5''" H N N 28  
5AT "H4'"  H N N 29  
5AT "H1'"  H N N 30  
5AT "H3'"  H N N 31  
5AT "HO3'" H N N 32  
DA  OP3    O N N 33  
DA  P      P N N 34  
DA  OP1    O N N 35  
DA  OP2    O N N 36  
DA  "O5'"  O N N 37  
DA  "C5'"  C N N 38  
DA  "C4'"  C N R 39  
DA  "O4'"  O N N 40  
DA  "C3'"  C N S 41  
DA  "O3'"  O N N 42  
DA  "C2'"  C N N 43  
DA  "C1'"  C N R 44  
DA  N9     N Y N 45  
DA  C8     C Y N 46  
DA  N7     N Y N 47  
DA  C5     C Y N 48  
DA  C6     C Y N 49  
DA  N6     N N N 50  
DA  N1     N Y N 51  
DA  C2     C Y N 52  
DA  N3     N Y N 53  
DA  C4     C Y N 54  
DA  HOP3   H N N 55  
DA  HOP2   H N N 56  
DA  "H5'"  H N N 57  
DA  "H5''" H N N 58  
DA  "H4'"  H N N 59  
DA  "H3'"  H N N 60  
DA  "HO3'" H N N 61  
DA  "H2'"  H N N 62  
DA  "H2''" H N N 63  
DA  "H1'"  H N N 64  
DA  H8     H N N 65  
DA  H61    H N N 66  
DA  H62    H N N 67  
DA  H2     H N N 68  
DC  OP3    O N N 69  
DC  P      P N N 70  
DC  OP1    O N N 71  
DC  OP2    O N N 72  
DC  "O5'"  O N N 73  
DC  "C5'"  C N N 74  
DC  "C4'"  C N R 75  
DC  "O4'"  O N N 76  
DC  "C3'"  C N S 77  
DC  "O3'"  O N N 78  
DC  "C2'"  C N N 79  
DC  "C1'"  C N R 80  
DC  N1     N N N 81  
DC  C2     C N N 82  
DC  O2     O N N 83  
DC  N3     N N N 84  
DC  C4     C N N 85  
DC  N4     N N N 86  
DC  C5     C N N 87  
DC  C6     C N N 88  
DC  HOP3   H N N 89  
DC  HOP2   H N N 90  
DC  "H5'"  H N N 91  
DC  "H5''" H N N 92  
DC  "H4'"  H N N 93  
DC  "H3'"  H N N 94  
DC  "HO3'" H N N 95  
DC  "H2'"  H N N 96  
DC  "H2''" H N N 97  
DC  "H1'"  H N N 98  
DC  H41    H N N 99  
DC  H42    H N N 100 
DC  H5     H N N 101 
DC  H6     H N N 102 
DG  OP3    O N N 103 
DG  P      P N N 104 
DG  OP1    O N N 105 
DG  OP2    O N N 106 
DG  "O5'"  O N N 107 
DG  "C5'"  C N N 108 
DG  "C4'"  C N R 109 
DG  "O4'"  O N N 110 
DG  "C3'"  C N S 111 
DG  "O3'"  O N N 112 
DG  "C2'"  C N N 113 
DG  "C1'"  C N R 114 
DG  N9     N Y N 115 
DG  C8     C Y N 116 
DG  N7     N Y N 117 
DG  C5     C Y N 118 
DG  C6     C N N 119 
DG  O6     O N N 120 
DG  N1     N N N 121 
DG  C2     C N N 122 
DG  N2     N N N 123 
DG  N3     N N N 124 
DG  C4     C Y N 125 
DG  HOP3   H N N 126 
DG  HOP2   H N N 127 
DG  "H5'"  H N N 128 
DG  "H5''" H N N 129 
DG  "H4'"  H N N 130 
DG  "H3'"  H N N 131 
DG  "HO3'" H N N 132 
DG  "H2'"  H N N 133 
DG  "H2''" H N N 134 
DG  "H1'"  H N N 135 
DG  H8     H N N 136 
DG  H1     H N N 137 
DG  H21    H N N 138 
DG  H22    H N N 139 
TRP N      N N N 140 
TRP CA     C N S 141 
TRP C      C N N 142 
TRP O      O N N 143 
TRP CB     C N N 144 
TRP CG     C Y N 145 
TRP CD1    C Y N 146 
TRP CD2    C Y N 147 
TRP NE1    N Y N 148 
TRP CE2    C Y N 149 
TRP CE3    C Y N 150 
TRP CZ2    C Y N 151 
TRP CZ3    C Y N 152 
TRP CH2    C Y N 153 
TRP OXT    O N N 154 
TRP H      H N N 155 
TRP H2     H N N 156 
TRP HA     H N N 157 
TRP HB2    H N N 158 
TRP HB3    H N N 159 
TRP HD1    H N N 160 
TRP HE1    H N N 161 
TRP HE3    H N N 162 
TRP HZ2    H N N 163 
TRP HZ3    H N N 164 
TRP HH2    H N N 165 
TRP HXT    H N N 166 
# 
loop_
_chem_comp_bond.comp_id 
_chem_comp_bond.atom_id_1 
_chem_comp_bond.atom_id_2 
_chem_comp_bond.value_order 
_chem_comp_bond.pdbx_aromatic_flag 
_chem_comp_bond.pdbx_stereo_config 
_chem_comp_bond.pdbx_ordinal 
5AT "N5'" "C5'"  sing N N 1   
5AT "N5'" HN51   sing N N 2   
5AT "N5'" HN52   sing N N 3   
5AT N1    C6     sing N N 4   
5AT N1    C2     sing N N 5   
5AT N1    "C1'"  sing N N 6   
5AT C6    C5     doub N N 7   
5AT C6    H6     sing N N 8   
5AT C2    O2     doub N N 9   
5AT C2    N3     sing N N 10  
5AT N3    C4     sing N N 11  
5AT N3    H3     sing N N 12  
5AT C4    O4     doub N N 13  
5AT C4    C5     sing N N 14  
5AT C5    C7     sing N N 15  
5AT C7    H71    sing N N 16  
5AT C7    H72    sing N N 17  
5AT C7    H73    sing N N 18  
5AT "C2'" "C1'"  sing N N 19  
5AT "C2'" "C3'"  sing N N 20  
5AT "C2'" "H2'"  sing N N 21  
5AT "C2'" "H2''" sing N N 22  
5AT "C5'" "C4'"  sing N N 23  
5AT "C5'" "H5'"  sing N N 24  
5AT "C5'" "H5''" sing N N 25  
5AT "C4'" "O4'"  sing N N 26  
5AT "C4'" "C3'"  sing N N 27  
5AT "C4'" "H4'"  sing N N 28  
5AT "O4'" "C1'"  sing N N 29  
5AT "C1'" "H1'"  sing N N 30  
5AT "C3'" "O3'"  sing N N 31  
5AT "C3'" "H3'"  sing N N 32  
5AT "O3'" "HO3'" sing N N 33  
DA  OP3   P      sing N N 34  
DA  OP3   HOP3   sing N N 35  
DA  P     OP1    doub N N 36  
DA  P     OP2    sing N N 37  
DA  P     "O5'"  sing N N 38  
DA  OP2   HOP2   sing N N 39  
DA  "O5'" "C5'"  sing N N 40  
DA  "C5'" "C4'"  sing N N 41  
DA  "C5'" "H5'"  sing N N 42  
DA  "C5'" "H5''" sing N N 43  
DA  "C4'" "O4'"  sing N N 44  
DA  "C4'" "C3'"  sing N N 45  
DA  "C4'" "H4'"  sing N N 46  
DA  "O4'" "C1'"  sing N N 47  
DA  "C3'" "O3'"  sing N N 48  
DA  "C3'" "C2'"  sing N N 49  
DA  "C3'" "H3'"  sing N N 50  
DA  "O3'" "HO3'" sing N N 51  
DA  "C2'" "C1'"  sing N N 52  
DA  "C2'" "H2'"  sing N N 53  
DA  "C2'" "H2''" sing N N 54  
DA  "C1'" N9     sing N N 55  
DA  "C1'" "H1'"  sing N N 56  
DA  N9    C8     sing Y N 57  
DA  N9    C4     sing Y N 58  
DA  C8    N7     doub Y N 59  
DA  C8    H8     sing N N 60  
DA  N7    C5     sing Y N 61  
DA  C5    C6     sing Y N 62  
DA  C5    C4     doub Y N 63  
DA  C6    N6     sing N N 64  
DA  C6    N1     doub Y N 65  
DA  N6    H61    sing N N 66  
DA  N6    H62    sing N N 67  
DA  N1    C2     sing Y N 68  
DA  C2    N3     doub Y N 69  
DA  C2    H2     sing N N 70  
DA  N3    C4     sing Y N 71  
DC  OP3   P      sing N N 72  
DC  OP3   HOP3   sing N N 73  
DC  P     OP1    doub N N 74  
DC  P     OP2    sing N N 75  
DC  P     "O5'"  sing N N 76  
DC  OP2   HOP2   sing N N 77  
DC  "O5'" "C5'"  sing N N 78  
DC  "C5'" "C4'"  sing N N 79  
DC  "C5'" "H5'"  sing N N 80  
DC  "C5'" "H5''" sing N N 81  
DC  "C4'" "O4'"  sing N N 82  
DC  "C4'" "C3'"  sing N N 83  
DC  "C4'" "H4'"  sing N N 84  
DC  "O4'" "C1'"  sing N N 85  
DC  "C3'" "O3'"  sing N N 86  
DC  "C3'" "C2'"  sing N N 87  
DC  "C3'" "H3'"  sing N N 88  
DC  "O3'" "HO3'" sing N N 89  
DC  "C2'" "C1'"  sing N N 90  
DC  "C2'" "H2'"  sing N N 91  
DC  "C2'" "H2''" sing N N 92  
DC  "C1'" N1     sing N N 93  
DC  "C1'" "H1'"  sing N N 94  
DC  N1    C2     sing N N 95  
DC  N1    C6     sing N N 96  
DC  C2    O2     doub N N 97  
DC  C2    N3     sing N N 98  
DC  N3    C4     doub N N 99  
DC  C4    N4     sing N N 100 
DC  C4    C5     sing N N 101 
DC  N4    H41    sing N N 102 
DC  N4    H42    sing N N 103 
DC  C5    C6     doub N N 104 
DC  C5    H5     sing N N 105 
DC  C6    H6     sing N N 106 
DG  OP3   P      sing N N 107 
DG  OP3   HOP3   sing N N 108 
DG  P     OP1    doub N N 109 
DG  P     OP2    sing N N 110 
DG  P     "O5'"  sing N N 111 
DG  OP2   HOP2   sing N N 112 
DG  "O5'" "C5'"  sing N N 113 
DG  "C5'" "C4'"  sing N N 114 
DG  "C5'" "H5'"  sing N N 115 
DG  "C5'" "H5''" sing N N 116 
DG  "C4'" "O4'"  sing N N 117 
DG  "C4'" "C3'"  sing N N 118 
DG  "C4'" "H4'"  sing N N 119 
DG  "O4'" "C1'"  sing N N 120 
DG  "C3'" "O3'"  sing N N 121 
DG  "C3'" "C2'"  sing N N 122 
DG  "C3'" "H3'"  sing N N 123 
DG  "O3'" "HO3'" sing N N 124 
DG  "C2'" "C1'"  sing N N 125 
DG  "C2'" "H2'"  sing N N 126 
DG  "C2'" "H2''" sing N N 127 
DG  "C1'" N9     sing N N 128 
DG  "C1'" "H1'"  sing N N 129 
DG  N9    C8     sing Y N 130 
DG  N9    C4     sing Y N 131 
DG  C8    N7     doub Y N 132 
DG  C8    H8     sing N N 133 
DG  N7    C5     sing Y N 134 
DG  C5    C6     sing N N 135 
DG  C5    C4     doub Y N 136 
DG  C6    O6     doub N N 137 
DG  C6    N1     sing N N 138 
DG  N1    C2     sing N N 139 
DG  N1    H1     sing N N 140 
DG  C2    N2     sing N N 141 
DG  C2    N3     doub N N 142 
DG  N2    H21    sing N N 143 
DG  N2    H22    sing N N 144 
DG  N3    C4     sing N N 145 
TRP N     CA     sing N N 146 
TRP N     H      sing N N 147 
TRP N     H2     sing N N 148 
TRP CA    C      sing N N 149 
TRP CA    CB     sing N N 150 
TRP CA    HA     sing N N 151 
TRP C     O      doub N N 152 
TRP C     OXT    sing N N 153 
TRP CB    CG     sing N N 154 
TRP CB    HB2    sing N N 155 
TRP CB    HB3    sing N N 156 
TRP CG    CD1    doub Y N 157 
TRP CG    CD2    sing Y N 158 
TRP CD1   NE1    sing Y N 159 
TRP CD1   HD1    sing N N 160 
TRP CD2   CE2    doub Y N 161 
TRP CD2   CE3    sing Y N 162 
TRP NE1   CE2    sing Y N 163 
TRP NE1   HE1    sing N N 164 
TRP CE2   CZ2    sing Y N 165 
TRP CE3   CZ3    doub Y N 166 
TRP CE3   HE3    sing N N 167 
TRP CZ2   CH2    doub Y N 168 
TRP CZ2   HZ2    sing N N 169 
TRP CZ3   CH2    sing Y N 170 
TRP CZ3   HZ3    sing N N 171 
TRP CH2   HH2    sing N N 172 
TRP OXT   HXT    sing N N 173 
# 
_ndb_struct_conf_na.entry_id   1C95 
_ndb_struct_conf_na.feature    'b-form double helix' 
# 
loop_
_ndb_struct_na_base_pair.model_number 
_ndb_struct_na_base_pair.i_label_asym_id 
_ndb_struct_na_base_pair.i_label_comp_id 
_ndb_struct_na_base_pair.i_label_seq_id 
_ndb_struct_na_base_pair.i_symmetry 
_ndb_struct_na_base_pair.j_label_asym_id 
_ndb_struct_na_base_pair.j_label_comp_id 
_ndb_struct_na_base_pair.j_label_seq_id 
_ndb_struct_na_base_pair.j_symmetry 
_ndb_struct_na_base_pair.shear 
_ndb_struct_na_base_pair.stretch 
_ndb_struct_na_base_pair.stagger 
_ndb_struct_na_base_pair.buckle 
_ndb_struct_na_base_pair.propeller 
_ndb_struct_na_base_pair.opening 
_ndb_struct_na_base_pair.pair_number 
_ndb_struct_na_base_pair.pair_name 
_ndb_struct_na_base_pair.i_auth_asym_id 
_ndb_struct_na_base_pair.i_auth_seq_id 
_ndb_struct_na_base_pair.i_PDB_ins_code 
_ndb_struct_na_base_pair.j_auth_asym_id 
_ndb_struct_na_base_pair.j_auth_seq_id 
_ndb_struct_na_base_pair.j_PDB_ins_code 
_ndb_struct_na_base_pair.hbond_type_28 
_ndb_struct_na_base_pair.hbond_type_12 
1 A 5AT 1 1_555 B DA  6 1_555 -0.059 -0.264 0.323  -8.003 -9.557  -0.164 1 A_5AT1:DA6_B A 1 ? B 6 ? 20 1 
1 A DG  2 1_555 B DC  5 1_555 -0.543 -0.268 0.051  -2.850 -15.797 0.823  2 A_DG2:DC5_B  A 2 ? B 5 ? 19 1 
1 A DC  3 1_555 B DG  4 1_555 0.260  -0.413 -0.729 -3.281 20.493  -9.499 3 A_DC3:DG4_B  A 3 ? B 4 ? 19 1 
1 A DG  4 1_555 B DC  3 1_555 -0.168 -0.403 -0.762 2.641  21.305  -9.722 4 A_DG4:DC3_B  A 4 ? B 3 ? 19 1 
1 A DC  5 1_555 B DG  2 1_555 0.694  -0.316 -0.090 3.294  -13.630 1.758  5 A_DC5:DG2_B  A 5 ? B 2 ? 19 1 
1 A DA  6 1_555 B 5AT 1 1_555 0.259  -0.241 0.342  8.602  -10.888 -1.803 6 A_DA6:5AT1_B A 6 ? B 1 ? 20 1 
# 
loop_
_ndb_struct_na_base_pair_step.model_number 
_ndb_struct_na_base_pair_step.i_label_asym_id_1 
_ndb_struct_na_base_pair_step.i_label_comp_id_1 
_ndb_struct_na_base_pair_step.i_label_seq_id_1 
_ndb_struct_na_base_pair_step.i_symmetry_1 
_ndb_struct_na_base_pair_step.j_label_asym_id_1 
_ndb_struct_na_base_pair_step.j_label_comp_id_1 
_ndb_struct_na_base_pair_step.j_label_seq_id_1 
_ndb_struct_na_base_pair_step.j_symmetry_1 
_ndb_struct_na_base_pair_step.i_label_asym_id_2 
_ndb_struct_na_base_pair_step.i_label_comp_id_2 
_ndb_struct_na_base_pair_step.i_label_seq_id_2 
_ndb_struct_na_base_pair_step.i_symmetry_2 
_ndb_struct_na_base_pair_step.j_label_asym_id_2 
_ndb_struct_na_base_pair_step.j_label_comp_id_2 
_ndb_struct_na_base_pair_step.j_label_seq_id_2 
_ndb_struct_na_base_pair_step.j_symmetry_2 
_ndb_struct_na_base_pair_step.shift 
_ndb_struct_na_base_pair_step.slide 
_ndb_struct_na_base_pair_step.rise 
_ndb_struct_na_base_pair_step.tilt 
_ndb_struct_na_base_pair_step.roll 
_ndb_struct_na_base_pair_step.twist 
_ndb_struct_na_base_pair_step.x_displacement 
_ndb_struct_na_base_pair_step.y_displacement 
_ndb_struct_na_base_pair_step.helical_rise 
_ndb_struct_na_base_pair_step.inclination 
_ndb_struct_na_base_pair_step.tip 
_ndb_struct_na_base_pair_step.helical_twist 
_ndb_struct_na_base_pair_step.step_number 
_ndb_struct_na_base_pair_step.step_name 
_ndb_struct_na_base_pair_step.i_auth_asym_id_1 
_ndb_struct_na_base_pair_step.i_auth_seq_id_1 
_ndb_struct_na_base_pair_step.i_PDB_ins_code_1 
_ndb_struct_na_base_pair_step.j_auth_asym_id_1 
_ndb_struct_na_base_pair_step.j_auth_seq_id_1 
_ndb_struct_na_base_pair_step.j_PDB_ins_code_1 
_ndb_struct_na_base_pair_step.i_auth_asym_id_2 
_ndb_struct_na_base_pair_step.i_auth_seq_id_2 
_ndb_struct_na_base_pair_step.i_PDB_ins_code_2 
_ndb_struct_na_base_pair_step.j_auth_asym_id_2 
_ndb_struct_na_base_pair_step.j_auth_seq_id_2 
_ndb_struct_na_base_pair_step.j_PDB_ins_code_2 
1 A 5AT 1 1_555 B DA 6 1_555 A DG 2 1_555 B DC  5 1_555 0.512  2.726 3.338 2.262  2.474  44.234 3.370 -0.458 3.498 3.280  -2.999 
44.355 1 AA_5AT1DG2:DC5DA6_BB A 1 ? B 6 ? A 2 ? B 5 ? 
1 A DG  2 1_555 B DC 5 1_555 A DC 3 1_555 B DG  4 1_555 -0.118 1.865 3.809 -1.854 3.131  36.945 2.433 -0.109 3.949 4.925  2.917  
37.118 2 AA_DG2DC3:DG4DC5_BB  A 2 ? B 5 ? A 3 ? B 4 ? 
1 A DC  3 1_555 B DG 4 1_555 A DG 4 1_555 B DC  3 1_555 -0.004 1.689 3.479 0.126  11.895 36.010 0.851 0.024  3.827 18.625 -0.198 
37.862 3 AA_DC3DG4:DC3DG4_BB  A 3 ? B 4 ? A 4 ? B 3 ? 
1 A DG  4 1_555 B DC 3 1_555 A DC 5 1_555 B DG  2 1_555 0.218  1.872 3.802 2.325  3.484  36.711 2.395 0.030  3.963 5.510  -3.677 
36.941 4 AA_DG4DC5:DG2DC3_BB  A 4 ? B 3 ? A 5 ? B 2 ? 
1 A DC  5 1_555 B DG 2 1_555 A DA 6 1_555 B 5AT 1 1_555 -0.614 2.544 3.383 -3.371 6.062  44.799 2.715 0.470  3.714 7.897  4.392  
45.306 5 AA_DC5DA6:5AT1DG2_BB A 5 ? B 2 ? A 6 ? B 1 ? 
# 
loop_
_pdbx_nmr_spectrometer.spectrometer_id 
_pdbx_nmr_spectrometer.model 
_pdbx_nmr_spectrometer.manufacturer 
_pdbx_nmr_spectrometer.field_strength 
_pdbx_nmr_spectrometer.type 
1 ?   MIT-BUILT 500 ? 
2 ?   MIT-BUILT 750 ? 
3 DRX Bruker    600 ? 
4 DPX Bruker    300 ? 
# 
_atom_sites.entry_id                    1C95 
_atom_sites.fract_transf_matrix[1][1]   1.000000 
_atom_sites.fract_transf_matrix[1][2]   0.000000 
_atom_sites.fract_transf_matrix[1][3]   0.000000 
_atom_sites.fract_transf_matrix[2][1]   0.000000 
_atom_sites.fract_transf_matrix[2][2]   1.000000 
_atom_sites.fract_transf_matrix[2][3]   0.000000 
_atom_sites.fract_transf_matrix[3][1]   0.000000 
_atom_sites.fract_transf_matrix[3][2]   0.000000 
_atom_sites.fract_transf_matrix[3][3]   1.000000 
_atom_sites.fract_transf_vector[1]      0.00000 
_atom_sites.fract_transf_vector[2]      0.00000 
_atom_sites.fract_transf_vector[3]      0.00000 
# 
loop_
_atom_type.symbol 
C 
H 
N 
O 
P 
# 
loop_
_atom_site.group_PDB 
_atom_site.id 
_atom_site.type_symbol 
_atom_site.label_atom_id 
_atom_site.label_alt_id 
_atom_site.label_comp_id 
_atom_site.label_asym_id 
_atom_site.label_entity_id 
_atom_site.label_seq_id 
_atom_site.pdbx_PDB_ins_code 
_atom_site.Cartn_x 
_atom_site.Cartn_y 
_atom_site.Cartn_z 
_atom_site.occupancy 
_atom_site.B_iso_or_equiv 
_atom_site.pdbx_formal_charge 
_atom_site.auth_seq_id 
_atom_site.auth_comp_id 
_atom_site.auth_asym_id 
_atom_site.auth_atom_id 
_atom_site.pdbx_PDB_model_num 
HETATM 1   N "N5'"  . 5AT A 1 1 ? -0.172  -4.026 -10.967 1.00 0.00 ? 1 5AT A "N5'"  1 
HETATM 2   N N1     . 5AT A 1 1 ? -0.811  -1.118 -9.208  1.00 0.00 ? 1 5AT A N1     1 
HETATM 3   C C6     . 5AT A 1 1 ? -1.687  -2.172 -9.094  1.00 0.00 ? 1 5AT A C6     1 
HETATM 4   C C2     . 5AT A 1 1 ? -1.246  0.155  -9.496  1.00 0.00 ? 1 5AT A C2     1 
HETATM 5   O O2     . 5AT A 1 1 ? -0.497  1.111  -9.594  1.00 0.00 ? 1 5AT A O2     1 
HETATM 6   N N3     . 5AT A 1 1 ? -2.599  0.269  -9.667  1.00 0.00 ? 1 5AT A N3     1 
HETATM 7   C C4     . 5AT A 1 1 ? -3.538  -0.738 -9.578  1.00 0.00 ? 1 5AT A C4     1 
HETATM 8   O O4     . 5AT A 1 1 ? -4.722  -0.487 -9.777  1.00 0.00 ? 1 5AT A O4     1 
HETATM 9   C C5     . 5AT A 1 1 ? -3.011  -2.048 -9.264  1.00 0.00 ? 1 5AT A C5     1 
HETATM 10  C C7     . 5AT A 1 1 ? -3.954  -3.205 -9.171  1.00 0.00 ? 1 5AT A C7     1 
HETATM 11  C "C2'"  . 5AT A 1 1 ? 0.948   -2.230 -7.811  1.00 0.00 ? 1 5AT A "C2'"  1 
HETATM 12  C "C5'"  . 5AT A 1 1 ? 0.910   -4.469 -10.047 1.00 0.00 ? 1 5AT A "C5'"  1 
HETATM 13  C "C4'"  . 5AT A 1 1 ? 1.788   -3.272 -9.767  1.00 0.00 ? 1 5AT A "C4'"  1 
HETATM 14  O "O4'"  . 5AT A 1 1 ? 1.082   -2.076 -10.172 1.00 0.00 ? 1 5AT A "O4'"  1 
HETATM 15  C "C1'"  . 5AT A 1 1 ? 0.625   -1.366 -9.025  1.00 0.00 ? 1 5AT A "C1'"  1 
HETATM 16  C "C3'"  . 5AT A 1 1 ? 2.121   -3.053 -8.298  1.00 0.00 ? 1 5AT A "C3'"  1 
HETATM 17  O "O3'"  . 5AT A 1 1 ? 3.351   -2.333 -8.155  1.00 0.00 ? 1 5AT A "O3'"  1 
HETATM 18  H HN51   . 5AT A 1 1 ? -1.025  -3.809 -10.570 1.00 0.00 ? 1 5AT A HN51   1 
HETATM 19  H H6     . 5AT A 1 1 ? -1.276  -3.159 -8.860  1.00 0.00 ? 1 5AT A H6     1 
HETATM 20  H H3     . 5AT A 1 1 ? -2.947  1.192  -9.885  1.00 0.00 ? 1 5AT A H3     1 
HETATM 21  H H71    . 5AT A 1 1 ? -3.434  -4.123 -9.449  1.00 0.00 ? 1 5AT A H71    1 
HETATM 22  H H72    . 5AT A 1 1 ? -4.325  -3.293 -8.150  1.00 0.00 ? 1 5AT A H72    1 
HETATM 23  H H73    . 5AT A 1 1 ? -4.793  -3.046 -9.849  1.00 0.00 ? 1 5AT A H73    1 
HETATM 24  H "H2'"  . 5AT A 1 1 ? 0.114   -2.863 -7.519  1.00 0.00 ? 1 5AT A "H2'"  1 
HETATM 25  H "H2''" . 5AT A 1 1 ? 1.213   -1.630 -6.949  1.00 0.00 ? 1 5AT A "H2''" 1 
HETATM 26  H "H5'"  . 5AT A 1 1 ? 1.515   -5.236 -10.496 1.00 0.00 ? 1 5AT A "H5'"  1 
HETATM 27  H "H5''" . 5AT A 1 1 ? 0.467   -4.840 -9.115  1.00 0.00 ? 1 5AT A "H5''" 1 
HETATM 28  H "H4'"  . 5AT A 1 1 ? 2.734   -3.416 -10.292 1.00 0.00 ? 1 5AT A "H4'"  1 
HETATM 29  H "H1'"  . 5AT A 1 1 ? 1.147   -0.408 -8.983  1.00 0.00 ? 1 5AT A "H1'"  1 
HETATM 30  H "H3'"  . 5AT A 1 1 ? 2.192   -4.004 -7.777  1.00 0.00 ? 1 5AT A "H3'"  1 
ATOM   31  P P      . DG  A 1 2 ? 4.196   -2.458 -6.792  1.00 0.00 ? 2 DG  A P      1 
ATOM   32  O OP1    . DG  A 1 2 ? 5.384   -3.298 -7.089  1.00 0.00 ? 2 DG  A OP1    1 
ATOM   33  O OP2    . DG  A 1 2 ? 3.273   -2.854 -5.698  1.00 0.00 ? 2 DG  A OP2    1 
ATOM   34  O "O5'"  . DG  A 1 2 ? 4.699   -0.973 -6.504  1.00 0.00 ? 2 DG  A "O5'"  1 
ATOM   35  C "C5'"  . DG  A 1 2 ? 4.622   0.044  -7.507  1.00 0.00 ? 2 DG  A "C5'"  1 
ATOM   36  C "C4'"  . DG  A 1 2 ? 4.564   1.410  -6.862  1.00 0.00 ? 2 DG  A "C4'"  1 
ATOM   37  O "O4'"  . DG  A 1 2 ? 3.176   1.794  -6.728  1.00 0.00 ? 2 DG  A "O4'"  1 
ATOM   38  C "C3'"  . DG  A 1 2 ? 5.135   1.494  -5.450  1.00 0.00 ? 2 DG  A "C3'"  1 
ATOM   39  O "O3'"  . DG  A 1 2 ? 5.573   2.831  -5.174  1.00 0.00 ? 2 DG  A "O3'"  1 
ATOM   40  C "C2'"  . DG  A 1 2 ? 3.947   1.105  -4.596  1.00 0.00 ? 2 DG  A "C2'"  1 
ATOM   41  C "C1'"  . DG  A 1 2 ? 2.774   1.699  -5.365  1.00 0.00 ? 2 DG  A "C1'"  1 
ATOM   42  N N9     . DG  A 1 2 ? 1.563   0.889  -5.315  1.00 0.00 ? 2 DG  A N9     1 
ATOM   43  C C8     . DG  A 1 2 ? 1.473   -0.400 -4.872  1.00 0.00 ? 2 DG  A C8     1 
ATOM   44  N N7     . DG  A 1 2 ? 0.269   -0.896 -4.960  1.00 0.00 ? 2 DG  A N7     1 
ATOM   45  C C5     . DG  A 1 2 ? -0.488  0.142  -5.487  1.00 0.00 ? 2 DG  A C5     1 
ATOM   46  C C6     . DG  A 1 2 ? -1.869  0.204  -5.805  1.00 0.00 ? 2 DG  A C6     1 
ATOM   47  O O6     . DG  A 1 2 ? -2.729  -0.677 -5.689  1.00 0.00 ? 2 DG  A O6     1 
ATOM   48  N N1     . DG  A 1 2 ? -2.221  1.452  -6.311  1.00 0.00 ? 2 DG  A N1     1 
ATOM   49  C C2     . DG  A 1 2 ? -1.357  2.502  -6.489  1.00 0.00 ? 2 DG  A C2     1 
ATOM   50  N N2     . DG  A 1 2 ? -1.890  3.625  -6.986  1.00 0.00 ? 2 DG  A N2     1 
ATOM   51  N N3     . DG  A 1 2 ? -0.067  2.456  -6.201  1.00 0.00 ? 2 DG  A N3     1 
ATOM   52  C C4     . DG  A 1 2 ? 0.296   1.255  -5.706  1.00 0.00 ? 2 DG  A C4     1 
ATOM   53  H "H5'"  . DG  A 1 2 ? 3.725   -0.103 -8.110  1.00 0.00 ? 2 DG  A "H5'"  1 
ATOM   54  H "H5''" . DG  A 1 2 ? 5.499   -0.010 -8.152  1.00 0.00 ? 2 DG  A "H5''" 1 
ATOM   55  H "H4'"  . DG  A 1 2 ? 5.143   2.097  -7.481  1.00 0.00 ? 2 DG  A "H4'"  1 
ATOM   56  H "H3'"  . DG  A 1 2 ? 5.967   0.803  -5.320  1.00 0.00 ? 2 DG  A "H3'"  1 
ATOM   57  H "H2'"  . DG  A 1 2 ? 3.875   0.025  -4.501  1.00 0.00 ? 2 DG  A "H2'"  1 
ATOM   58  H "H2''" . DG  A 1 2 ? 4.025   1.512  -3.591  1.00 0.00 ? 2 DG  A "H2''" 1 
ATOM   59  H "H1'"  . DG  A 1 2 ? 2.537   2.698  -5.007  1.00 0.00 ? 2 DG  A "H1'"  1 
ATOM   60  H H8     . DG  A 1 2 ? 2.317   -0.943 -4.476  1.00 0.00 ? 2 DG  A H8     1 
ATOM   61  H H1     . DG  A 1 2 ? -3.190  1.589  -6.563  1.00 0.00 ? 2 DG  A H1     1 
ATOM   62  H H21    . DG  A 1 2 ? -2.879  3.671  -7.195  1.00 0.00 ? 2 DG  A H21    1 
ATOM   63  H H22    . DG  A 1 2 ? -1.300  4.430  -7.138  1.00 0.00 ? 2 DG  A H22    1 
ATOM   64  P P      . DC  A 1 3 ? 6.273   3.175  -3.766  1.00 0.00 ? 3 DC  A P      1 
ATOM   65  O OP1    . DC  A 1 3 ? 7.623   3.716  -4.066  1.00 0.00 ? 3 DC  A OP1    1 
ATOM   66  O OP2    . DC  A 1 3 ? 6.137   2.008  -2.857  1.00 0.00 ? 3 DC  A OP2    1 
ATOM   67  O "O5'"  . DC  A 1 3 ? 5.387   4.366  -3.185  1.00 0.00 ? 3 DC  A "O5'"  1 
ATOM   68  C "C5'"  . DC  A 1 3 ? 4.690   5.258  -4.060  1.00 0.00 ? 3 DC  A "C5'"  1 
ATOM   69  C "C4'"  . DC  A 1 3 ? 3.798   6.187  -3.268  1.00 0.00 ? 3 DC  A "C4'"  1 
ATOM   70  O "O4'"  . DC  A 1 3 ? 2.492   5.577  -3.150  1.00 0.00 ? 3 DC  A "O4'"  1 
ATOM   71  C "C3'"  . DC  A 1 3 ? 4.246   6.445  -1.832  1.00 0.00 ? 3 DC  A "C3'"  1 
ATOM   72  O "O3'"  . DC  A 1 3 ? 3.734   7.708  -1.386  1.00 0.00 ? 3 DC  A "O3'"  1 
ATOM   73  C "C2'"  . DC  A 1 3 ? 3.613   5.289  -1.081  1.00 0.00 ? 3 DC  A "C2'"  1 
ATOM   74  C "C1'"  . DC  A 1 3 ? 2.292   5.093  -1.828  1.00 0.00 ? 3 DC  A "C1'"  1 
ATOM   75  N N1     . DC  A 1 3 ? 1.772   3.713  -1.926  1.00 0.00 ? 3 DC  A N1     1 
ATOM   76  C C2     . DC  A 1 3 ? 0.398   3.533  -2.141  1.00 0.00 ? 3 DC  A C2     1 
ATOM   77  O O2     . DC  A 1 3 ? -0.333  4.531  -2.244  1.00 0.00 ? 3 DC  A O2     1 
ATOM   78  N N3     . DC  A 1 3 ? -0.099  2.279  -2.230  1.00 0.00 ? 3 DC  A N3     1 
ATOM   79  C C4     . DC  A 1 3 ? 0.715   1.229  -2.112  1.00 0.00 ? 3 DC  A C4     1 
ATOM   80  N N4     . DC  A 1 3 ? 0.179   0.011  -2.210  1.00 0.00 ? 3 DC  A N4     1 
ATOM   81  C C5     . DC  A 1 3 ? 2.113   1.380  -1.891  1.00 0.00 ? 3 DC  A C5     1 
ATOM   82  C C6     . DC  A 1 3 ? 2.595   2.628  -1.809  1.00 0.00 ? 3 DC  A C6     1 
ATOM   83  H "H5'"  . DC  A 1 3 ? 4.077   4.683  -4.755  1.00 0.00 ? 3 DC  A "H5'"  1 
ATOM   84  H "H5''" . DC  A 1 3 ? 5.409   5.851  -4.625  1.00 0.00 ? 3 DC  A "H5''" 1 
ATOM   85  H "H4'"  . DC  A 1 3 ? 3.782   7.151  -3.776  1.00 0.00 ? 3 DC  A "H4'"  1 
ATOM   86  H "H3'"  . DC  A 1 3 ? 5.333   6.443  -1.749  1.00 0.00 ? 3 DC  A "H3'"  1 
ATOM   87  H "H2'"  . DC  A 1 3 ? 4.247   4.412  -1.122  1.00 0.00 ? 3 DC  A "H2'"  1 
ATOM   88  H "H2''" . DC  A 1 3 ? 3.465   5.526  -0.032  1.00 0.00 ? 3 DC  A "H2''" 1 
ATOM   89  H "H1'"  . DC  A 1 3 ? 1.517   5.710  -1.373  1.00 0.00 ? 3 DC  A "H1'"  1 
ATOM   90  H H41    . DC  A 1 3 ? -0.814  -0.090 -2.362  1.00 0.00 ? 3 DC  A H41    1 
ATOM   91  H H42    . DC  A 1 3 ? 0.763   -0.809 -2.128  1.00 0.00 ? 3 DC  A H42    1 
ATOM   92  H H5     . DC  A 1 3 ? 2.767   0.514  -1.793  1.00 0.00 ? 3 DC  A H5     1 
ATOM   93  H H6     . DC  A 1 3 ? 3.657   2.773  -1.652  1.00 0.00 ? 3 DC  A H6     1 
ATOM   94  P P      . DG  A 1 4 ? 4.283   8.367  -0.023  1.00 0.00 ? 4 DG  A P      1 
ATOM   95  O OP1    . DG  A 1 4 ? 5.282   9.405  -0.381  1.00 0.00 ? 4 DG  A OP1    1 
ATOM   96  O OP2    . DG  A 1 4 ? 4.667   7.266  0.899   1.00 0.00 ? 4 DG  A OP2    1 
ATOM   97  O "O5'"  . DG  A 1 4 ? 3.003   9.096  0.589   1.00 0.00 ? 4 DG  A "O5'"  1 
ATOM   98  C "C5'"  . DG  A 1 4 ? 2.109   9.835  -0.248  1.00 0.00 ? 4 DG  A "C5'"  1 
ATOM   99  C "C4'"  . DG  A 1 4 ? 0.849   10.191 0.508   1.00 0.00 ? 4 DG  A "C4'"  1 
ATOM   100 O "O4'"  . DG  A 1 4 ? -0.048  9.056  0.466   1.00 0.00 ? 4 DG  A "O4'"  1 
ATOM   101 C "C3'"  . DG  A 1 4 ? 1.014   10.502 1.991   1.00 0.00 ? 4 DG  A "C3'"  1 
ATOM   102 O "O3'"  . DG  A 1 4 ? -0.036  11.358 2.458   1.00 0.00 ? 4 DG  A "O3'"  1 
ATOM   103 C "C2'"  . DG  A 1 4 ? 0.928   9.131  2.626   1.00 0.00 ? 4 DG  A "C2'"  1 
ATOM   104 C "C1'"  . DG  A 1 4 ? -0.080  8.412  1.738   1.00 0.00 ? 4 DG  A "C1'"  1 
ATOM   105 N N9     . DG  A 1 4 ? 0.255   7.012  1.528   1.00 0.00 ? 4 DG  A N9     1 
ATOM   106 C C8     . DG  A 1 4 ? 1.520   6.520  1.427   1.00 0.00 ? 4 DG  A C8     1 
ATOM   107 N N7     . DG  A 1 4 ? 1.566   5.230  1.245   1.00 0.00 ? 4 DG  A N7     1 
ATOM   108 C C5     . DG  A 1 4 ? 0.231   4.846  1.224   1.00 0.00 ? 4 DG  A C5     1 
ATOM   109 C C6     . DG  A 1 4 ? -0.353  3.566  1.058   1.00 0.00 ? 4 DG  A C6     1 
ATOM   110 O O6     . DG  A 1 4 ? 0.208   2.480  0.882   1.00 0.00 ? 4 DG  A O6     1 
ATOM   111 N N1     . DG  A 1 4 ? -1.742  3.627  1.108   1.00 0.00 ? 4 DG  A N1     1 
ATOM   112 C C2     . DG  A 1 4 ? -2.474  4.774  1.284   1.00 0.00 ? 4 DG  A C2     1 
ATOM   113 N N2     . DG  A 1 4 ? -3.806  4.627  1.303   1.00 0.00 ? 4 DG  A N2     1 
ATOM   114 N N3     . DG  A 1 4 ? -1.942  5.977  1.435   1.00 0.00 ? 4 DG  A N3     1 
ATOM   115 C C4     . DG  A 1 4 ? -0.593  5.937  1.396   1.00 0.00 ? 4 DG  A C4     1 
ATOM   116 H "H5'"  . DG  A 1 4 ? 1.843   9.235  -1.119  1.00 0.00 ? 4 DG  A "H5'"  1 
ATOM   117 H "H5''" . DG  A 1 4 ? 2.595   10.752 -0.583  1.00 0.00 ? 4 DG  A "H5''" 1 
ATOM   118 H "H4'"  . DG  A 1 4 ? 0.427   11.084 0.045   1.00 0.00 ? 4 DG  A "H4'"  1 
ATOM   119 H "H3'"  . DG  A 1 4 ? 1.977   10.969 2.184   1.00 0.00 ? 4 DG  A "H3'"  1 
ATOM   120 H "H2'"  . DG  A 1 4 ? 1.898   8.639  2.637   1.00 0.00 ? 4 DG  A "H2'"  1 
ATOM   121 H "H2''" . DG  A 1 4 ? 0.581   9.194  3.656   1.00 0.00 ? 4 DG  A "H2''" 1 
ATOM   122 H "H1'"  . DG  A 1 4 ? -1.081  8.477  2.137   1.00 0.00 ? 4 DG  A "H1'"  1 
ATOM   123 H H8     . DG  A 1 4 ? 2.390   7.149  1.495   1.00 0.00 ? 4 DG  A H8     1 
ATOM   124 H H1     . DG  A 1 4 ? -2.248  2.758  1.006   1.00 0.00 ? 4 DG  A H1     1 
ATOM   125 H H21    . DG  A 1 4 ? -4.223  3.713  1.189   1.00 0.00 ? 4 DG  A H21    1 
ATOM   126 H H22    . DG  A 1 4 ? -4.392  5.439  1.430   1.00 0.00 ? 4 DG  A H22    1 
ATOM   127 P P      . DC  A 1 5 ? 0.086   12.060 3.900   1.00 0.00 ? 5 DC  A P      1 
ATOM   128 O OP1    . DC  A 1 5 ? 0.068   13.529 3.682   1.00 0.00 ? 5 DC  A OP1    1 
ATOM   129 O OP2    . DC  A 1 5 ? 1.222   11.442 4.634   1.00 0.00 ? 5 DC  A OP2    1 
ATOM   130 O "O5'"  . DC  A 1 5 ? -1.259  11.644 4.648   1.00 0.00 ? 5 DC  A "O5'"  1 
ATOM   131 C "C5'"  . DC  A 1 5 ? -2.381  12.527 4.695   1.00 0.00 ? 5 DC  A "C5'"  1 
ATOM   132 C "C4'"  . DC  A 1 5 ? -3.675  11.750 4.593   1.00 0.00 ? 5 DC  A "C4'"  1 
ATOM   133 O "O4'"  . DC  A 1 5 ? -3.362  10.390 4.202   1.00 0.00 ? 5 DC  A "O4'"  1 
ATOM   134 C "C3'"  . DC  A 1 5 ? -4.451  11.612 5.901   1.00 0.00 ? 5 DC  A "C3'"  1 
ATOM   135 O "O3'"  . DC  A 1 5 ? -5.851  11.419 5.660   1.00 0.00 ? 5 DC  A "O3'"  1 
ATOM   136 C "C2'"  . DC  A 1 5 ? -3.831  10.376 6.520   1.00 0.00 ? 5 DC  A "C2'"  1 
ATOM   137 C "C1'"  . DC  A 1 5 ? -3.522  9.510  5.314   1.00 0.00 ? 5 DC  A "C1'"  1 
ATOM   138 N N1     . DC  A 1 5 ? -2.300  8.698  5.446   1.00 0.00 ? 5 DC  A N1     1 
ATOM   139 C C2     . DC  A 1 5 ? -2.392  7.314  5.279   1.00 0.00 ? 5 DC  A C2     1 
ATOM   140 O O2     . DC  A 1 5 ? -3.495  6.812  5.015   1.00 0.00 ? 5 DC  A O2     1 
ATOM   141 N N3     . DC  A 1 5 ? -1.280  6.556  5.409   1.00 0.00 ? 5 DC  A N3     1 
ATOM   142 C C4     . DC  A 1 5 ? -0.110  7.133  5.693   1.00 0.00 ? 5 DC  A C4     1 
ATOM   143 N N4     . DC  A 1 5 ? 0.960   6.348  5.814   1.00 0.00 ? 5 DC  A N4     1 
ATOM   144 C C5     . DC  A 1 5 ? 0.012   8.542  5.866   1.00 0.00 ? 5 DC  A C5     1 
ATOM   145 C C6     . DC  A 1 5 ? -1.098  9.279  5.732   1.00 0.00 ? 5 DC  A C6     1 
ATOM   146 H "H5'"  . DC  A 1 5 ? -2.326  13.235 3.867   1.00 0.00 ? 5 DC  A "H5'"  1 
ATOM   147 H "H5''" . DC  A 1 5 ? -2.371  13.080 5.634   1.00 0.00 ? 5 DC  A "H5''" 1 
ATOM   148 H "H4'"  . DC  A 1 5 ? -4.326  12.267 3.886   1.00 0.00 ? 5 DC  A "H4'"  1 
ATOM   149 H "H3'"  . DC  A 1 5 ? -4.311  12.490 6.530   1.00 0.00 ? 5 DC  A "H3'"  1 
ATOM   150 H "H2'"  . DC  A 1 5 ? -2.947  10.610 7.106   1.00 0.00 ? 5 DC  A "H2'"  1 
ATOM   151 H "H2''" . DC  A 1 5 ? -4.529  9.852  7.161   1.00 0.00 ? 5 DC  A "H2''" 1 
ATOM   152 H "H1'"  . DC  A 1 5 ? -4.359  8.845  5.096   1.00 0.00 ? 5 DC  A "H1'"  1 
ATOM   153 H H41    . DC  A 1 5 ? 0.867   5.349  5.686   1.00 0.00 ? 5 DC  A H41    1 
ATOM   154 H H42    . DC  A 1 5 ? 1.861   6.751  6.029   1.00 0.00 ? 5 DC  A H42    1 
ATOM   155 H H5     . DC  A 1 5 ? 0.973   9.002  6.097   1.00 0.00 ? 5 DC  A H5     1 
ATOM   156 H H6     . DC  A 1 5 ? -1.038  10.361 5.853   1.00 0.00 ? 5 DC  A H6     1 
ATOM   157 P P      . DA  A 1 6 ? -6.930  12.113 6.632   1.00 0.00 ? 6 DA  A P      1 
ATOM   158 O OP1    . DA  A 1 6 ? -7.830  12.925 5.774   1.00 0.00 ? 6 DA  A OP1    1 
ATOM   159 O OP2    . DA  A 1 6 ? -6.214  12.761 7.761   1.00 0.00 ? 6 DA  A OP2    1 
ATOM   160 O "O5'"  . DA  A 1 6 ? -7.770  10.894 7.223   1.00 0.00 ? 6 DA  A "O5'"  1 
ATOM   161 C "C5'"  . DA  A 1 6 ? -9.198  10.910 7.206   1.00 0.00 ? 6 DA  A "C5'"  1 
ATOM   162 C "C4'"  . DA  A 1 6 ? -9.751  9.585  7.683   1.00 0.00 ? 6 DA  A "C4'"  1 
ATOM   163 O "O4'"  . DA  A 1 6 ? -8.693  8.600  7.645   1.00 0.00 ? 6 DA  A "O4'"  1 
ATOM   164 C "C3'"  . DA  A 1 6 ? -10.263 9.540  9.119   1.00 0.00 ? 6 DA  A "C3'"  1 
ATOM   165 O "O3'"  . DA  A 1 6 ? -11.262 8.526  9.276   1.00 0.00 ? 6 DA  A "O3'"  1 
ATOM   166 C "C2'"  . DA  A 1 6 ? -9.017  9.222  9.912   1.00 0.00 ? 6 DA  A "C2'"  1 
ATOM   167 C "C1'"  . DA  A 1 6 ? -8.249  8.305  8.969   1.00 0.00 ? 6 DA  A "C1'"  1 
ATOM   168 N N9     . DA  A 1 6 ? -6.810  8.537  9.010   1.00 0.00 ? 6 DA  A N9     1 
ATOM   169 C C8     . DA  A 1 6 ? -6.197  9.756  9.129   1.00 0.00 ? 6 DA  A C8     1 
ATOM   170 N N7     . DA  A 1 6 ? -4.887  9.690  9.136   1.00 0.00 ? 6 DA  A N7     1 
ATOM   171 C C5     . DA  A 1 6 ? -4.623  8.332  9.009   1.00 0.00 ? 6 DA  A C5     1 
ATOM   172 C C6     . DA  A 1 6 ? -3.423  7.603  8.946   1.00 0.00 ? 6 DA  A C6     1 
ATOM   173 N N6     . DA  A 1 6 ? -2.214  8.162  9.003   1.00 0.00 ? 6 DA  A N6     1 
ATOM   174 N N1     . DA  A 1 6 ? -3.508  6.260  8.820   1.00 0.00 ? 6 DA  A N1     1 
ATOM   175 C C2     . DA  A 1 6 ? -4.723  5.699  8.760   1.00 0.00 ? 6 DA  A C2     1 
ATOM   176 N N3     . DA  A 1 6 ? -5.921  6.278  8.806   1.00 0.00 ? 6 DA  A N3     1 
ATOM   177 C C4     . DA  A 1 6 ? -5.800  7.611  8.932   1.00 0.00 ? 6 DA  A C4     1 
ATOM   178 H "H5'"  . DA  A 1 6 ? -9.550  11.097 6.191   1.00 0.00 ? 6 DA  A "H5'"  1 
ATOM   179 H "H5''" . DA  A 1 6 ? -9.561  11.702 7.860   1.00 0.00 ? 6 DA  A "H5''" 1 
ATOM   180 H "H4'"  . DA  A 1 6 ? -10.595 9.329  7.041   1.00 0.00 ? 6 DA  A "H4'"  1 
ATOM   181 H "H3'"  . DA  A 1 6 ? -10.672 10.504 9.409   1.00 0.00 ? 6 DA  A "H3'"  1 
ATOM   182 H "H2'"  . DA  A 1 6 ? -8.462  10.122 10.159  1.00 0.00 ? 6 DA  A "H2'"  1 
ATOM   183 H "H2''" . DA  A 1 6 ? -9.260  8.719  10.848  1.00 0.00 ? 6 DA  A "H2''" 1 
ATOM   184 H "H1'"  . DA  A 1 6 ? -8.448  7.254  9.178   1.00 0.00 ? 6 DA  A "H1'"  1 
ATOM   185 H H8     . DA  A 1 6 ? -6.748  10.688 9.205   1.00 0.00 ? 6 DA  A H8     1 
ATOM   186 H H61    . DA  A 1 6 ? -1.390  7.578  8.944   1.00 0.00 ? 6 DA  A H61    1 
ATOM   187 H H62    . DA  A 1 6 ? -2.124  9.163  9.096   1.00 0.00 ? 6 DA  A H62    1 
ATOM   188 H H2     . DA  A 1 6 ? -4.733  4.614  8.662   1.00 0.00 ? 6 DA  A H2     1 
ATOM   189 P P      . DC  A 1 7 ? -12.266 8.580  10.532  1.00 0.00 ? 7 DC  A P      1 
ATOM   190 O OP1    . DC  A 1 7 ? -11.461 8.326  11.754  1.00 0.00 ? 7 DC  A OP1    1 
ATOM   191 O OP2    . DC  A 1 7 ? -13.433 7.712  10.229  1.00 0.00 ? 7 DC  A OP2    1 
ATOM   192 O "O5'"  . DC  A 1 7 ? -12.754 10.098 10.569  1.00 0.00 ? 7 DC  A "O5'"  1 
ATOM   193 C "C5'"  . DC  A 1 7 ? -14.105 10.449 10.263  1.00 0.00 ? 7 DC  A "C5'"  1 
ATOM   194 C "C4'"  . DC  A 1 7 ? -15.010 10.142 11.437  1.00 0.00 ? 7 DC  A "C4'"  1 
ATOM   195 O "O4'"  . DC  A 1 7 ? -14.190 9.973  12.617  1.00 0.00 ? 7 DC  A "O4'"  1 
ATOM   196 C "C3'"  . DC  A 1 7 ? -16.007 11.234 11.807  1.00 0.00 ? 7 DC  A "C3'"  1 
ATOM   197 O "O3'"  . DC  A 1 7 ? -17.148 10.689 12.474  1.00 0.00 ? 7 DC  A "O3'"  1 
ATOM   198 C "C2'"  . DC  A 1 7 ? -15.201 12.116 12.740  1.00 0.00 ? 7 DC  A "C2'"  1 
ATOM   199 C "C1'"  . DC  A 1 7 ? -14.323 11.106 13.471  1.00 0.00 ? 7 DC  A "C1'"  1 
ATOM   200 N N1     . DC  A 1 7 ? -12.970 11.601 13.761  1.00 0.00 ? 7 DC  A N1     1 
ATOM   201 C C2     . DC  A 1 7 ? -12.565 11.744 15.092  1.00 0.00 ? 7 DC  A C2     1 
ATOM   202 O O2     . DC  A 1 7 ? -13.360 11.451 15.998  1.00 0.00 ? 7 DC  A O2     1 
ATOM   203 N N3     . DC  A 1 7 ? -11.318 12.197 15.355  1.00 0.00 ? 7 DC  A N3     1 
ATOM   204 C C4     . DC  A 1 7 ? -10.493 12.502 14.352  1.00 0.00 ? 7 DC  A C4     1 
ATOM   205 N N4     . DC  A 1 7 ? -9.274  12.944 14.660  1.00 0.00 ? 7 DC  A N4     1 
ATOM   206 C C5     . DC  A 1 7 ? -10.883 12.366 12.987  1.00 0.00 ? 7 DC  A C5     1 
ATOM   207 C C6     . DC  A 1 7 ? -12.119 11.917 12.742  1.00 0.00 ? 7 DC  A C6     1 
ATOM   208 H "H5'"  . DC  A 1 7 ? -14.444 9.882  9.395   1.00 0.00 ? 7 DC  A "H5'"  1 
ATOM   209 H "H5''" . DC  A 1 7 ? -14.163 11.513 10.037  1.00 0.00 ? 7 DC  A "H5''" 1 
ATOM   210 H "H4'"  . DC  A 1 7 ? -15.590 9.253  11.187  1.00 0.00 ? 7 DC  A "H4'"  1 
ATOM   211 H "H3'"  . DC  A 1 7 ? -16.331 11.779 10.922  1.00 0.00 ? 7 DC  A "H3'"  1 
ATOM   212 H "HO3'" . DC  A 1 7 ? -16.834 9.974  13.034  1.00 0.00 ? 7 DC  A "HO3'" 1 
ATOM   213 H "H2'"  . DC  A 1 7 ? -14.616 12.850 12.187  1.00 0.00 ? 7 DC  A "H2'"  1 
ATOM   214 H "H2''" . DC  A 1 7 ? -15.848 12.661 13.427  1.00 0.00 ? 7 DC  A "H2''" 1 
ATOM   215 H "H1'"  . DC  A 1 7 ? -14.785 10.780 14.402  1.00 0.00 ? 7 DC  A "H1'"  1 
ATOM   216 H H41    . DC  A 1 7 ? -9.007  13.036 15.630  1.00 0.00 ? 7 DC  A H41    1 
ATOM   217 H H42    . DC  A 1 7 ? -8.621  13.185 13.929  1.00 0.00 ? 7 DC  A H42    1 
ATOM   218 H H5     . DC  A 1 7 ? -10.200 12.618 12.175  1.00 0.00 ? 7 DC  A H5     1 
ATOM   219 H H6     . DC  A 1 7 ? -12.454 11.802 11.710  1.00 0.00 ? 7 DC  A H6     1 
HETATM 220 N "N5'"  . 5AT B 1 1 ? 1.849   1.736  11.473  1.00 0.00 ? 1 5AT B "N5'"  1 
HETATM 221 N N1     . 5AT B 1 1 ? -0.513  2.430  9.054   1.00 0.00 ? 1 5AT B N1     1 
HETATM 222 C C6     . 5AT B 1 1 ? 0.742   2.983  8.951   1.00 0.00 ? 1 5AT B C6     1 
HETATM 223 C C2     . 5AT B 1 1 ? -1.651  3.197  8.948   1.00 0.00 ? 1 5AT B C2     1 
HETATM 224 O O2     . 5AT B 1 1 ? -2.777  2.736  9.024   1.00 0.00 ? 1 5AT B O2     1 
HETATM 225 N N3     . 5AT B 1 1 ? -1.420  4.533  8.747   1.00 0.00 ? 1 5AT B N3     1 
HETATM 226 C C4     . 5AT B 1 1 ? -0.197  5.160  8.642   1.00 0.00 ? 1 5AT B C4     1 
HETATM 227 O O4     . 5AT B 1 1 ? -0.145  6.374  8.480   1.00 0.00 ? 1 5AT B O4     1 
HETATM 228 C C5     . 5AT B 1 1 ? 0.953   4.292  8.756   1.00 0.00 ? 1 5AT B C5     1 
HETATM 229 C C7     . 5AT B 1 1 ? 2.323   4.895  8.698   1.00 0.00 ? 1 5AT B C7     1 
HETATM 230 C "C2'"  . 5AT B 1 1 ? 0.270   0.139  8.405   1.00 0.00 ? 1 5AT B "C2'"  1 
HETATM 231 C "C5'"  . 5AT B 1 1 ? 2.119   0.364  10.966  1.00 0.00 ? 1 5AT B "C5'"  1 
HETATM 232 C "C4'"  . 5AT B 1 1 ? 0.785   -0.284 10.679  1.00 0.00 ? 1 5AT B "C4'"  1 
HETATM 233 O "O4'"  . 5AT B 1 1 ? -0.230  0.746  10.641  1.00 0.00 ? 1 5AT B "O4'"  1 
HETATM 234 C "C1'"  . 5AT B 1 1 ? -0.634  0.985  9.296   1.00 0.00 ? 1 5AT B "C1'"  1 
HETATM 235 C "C3'"  . 5AT B 1 1 ? 0.686   -0.985 9.332   1.00 0.00 ? 1 5AT B "C3'"  1 
HETATM 236 O "O3'"  . 5AT B 1 1 ? -0.296  -2.026 9.381   1.00 0.00 ? 1 5AT B "O3'"  1 
HETATM 237 H HN51   . 5AT B 1 1 ? 1.961   2.465  10.849  1.00 0.00 ? 1 5AT B HN51   1 
HETATM 238 H H6     . 5AT B 1 1 ? 1.605   2.317  9.038   1.00 0.00 ? 1 5AT B H6     1 
HETATM 239 H H3     . 5AT B 1 1 ? -2.236  5.125  8.671   1.00 0.00 ? 1 5AT B H3     1 
HETATM 240 H H71    . 5AT B 1 1 ? 3.006   4.306  9.309   1.00 0.00 ? 1 5AT B H71    1 
HETATM 241 H H72    . 5AT B 1 1 ? 2.287   5.916  9.076   1.00 0.00 ? 1 5AT B H72    1 
HETATM 242 H H73    . 5AT B 1 1 ? 2.673   4.902  7.666   1.00 0.00 ? 1 5AT B H73    1 
HETATM 243 H "H2'"  . 5AT B 1 1 ? 1.133   0.694  8.045   1.00 0.00 ? 1 5AT B "H2'"  1 
HETATM 244 H "H2''" . 5AT B 1 1 ? -0.259  -0.234 7.536   1.00 0.00 ? 1 5AT B "H2''" 1 
HETATM 245 H "H5'"  . 5AT B 1 1 ? 2.635   -0.231 11.700  1.00 0.00 ? 1 5AT B "H5'"  1 
HETATM 246 H "H5''" . 5AT B 1 1 ? 2.716   0.425  10.048  1.00 0.00 ? 1 5AT B "H5''" 1 
HETATM 247 H "H4'"  . 5AT B 1 1 ? 0.606   -1.038 11.447  1.00 0.00 ? 1 5AT B "H4'"  1 
HETATM 248 H "H1'"  . 5AT B 1 1 ? -1.680  0.696  9.193   1.00 0.00 ? 1 5AT B "H1'"  1 
HETATM 249 H "H3'"  . 5AT B 1 1 ? 1.648   -1.404 9.050   1.00 0.00 ? 1 5AT B "H3'"  1 
ATOM   250 P P      . DG  B 1 2 ? -0.644  -2.865 8.054   1.00 0.00 ? 2 DG  B P      1 
ATOM   251 O OP1    . DG  B 1 2 ? -0.947  -4.254 8.479   1.00 0.00 ? 2 DG  B OP1    1 
ATOM   252 O OP2    . DG  B 1 2 ? 0.420   -2.622 7.045   1.00 0.00 ? 2 DG  B OP2    1 
ATOM   253 O "O5'"  . DG  B 1 2 ? -1.989  -2.196 7.525   1.00 0.00 ? 2 DG  B "O5'"  1 
ATOM   254 C "C5'"  . DG  B 1 2 ? -3.256  -2.522 8.104   1.00 0.00 ? 2 DG  B "C5'"  1 
ATOM   255 C "C4'"  . DG  B 1 2 ? -4.360  -2.301 7.095   1.00 0.00 ? 2 DG  B "C4'"  1 
ATOM   256 O "O4'"  . DG  B 1 2 ? -4.252  -0.950 6.590   1.00 0.00 ? 2 DG  B "O4'"  1 
ATOM   257 C "C3'"  . DG  B 1 2 ? -4.309  -3.192 5.858   1.00 0.00 ? 2 DG  B "C3'"  1 
ATOM   258 O "O3'"  . DG  B 1 2 ? -5.621  -3.340 5.303   1.00 0.00 ? 2 DG  B "O3'"  1 
ATOM   259 C "C2'"  . DG  B 1 2 ? -3.391  -2.414 4.937   1.00 0.00 ? 2 DG  B "C2'"  1 
ATOM   260 C "C1'"  . DG  B 1 2 ? -3.738  -0.967 5.262   1.00 0.00 ? 2 DG  B "C1'"  1 
ATOM   261 N N9     . DG  B 1 2 ? -2.596  -0.064 5.217   1.00 0.00 ? 2 DG  B N9     1 
ATOM   262 C C8     . DG  B 1 2 ? -1.281  -0.427 5.131   1.00 0.00 ? 2 DG  B C8     1 
ATOM   263 N N7     . DG  B 1 2 ? -0.462  0.589  5.132   1.00 0.00 ? 2 DG  B N7     1 
ATOM   264 C C5     . DG  B 1 2 ? -1.296  1.696  5.216   1.00 0.00 ? 2 DG  B C5     1 
ATOM   265 C C6     . DG  B 1 2 ? -0.985  3.081  5.253   1.00 0.00 ? 2 DG  B C6     1 
ATOM   266 O O6     . DG  B 1 2 ? 0.125   3.624  5.225   1.00 0.00 ? 2 DG  B O6     1 
ATOM   267 N N1     . DG  B 1 2 ? -2.134  3.859  5.334   1.00 0.00 ? 2 DG  B N1     1 
ATOM   268 C C2     . DG  B 1 2 ? -3.416  3.372  5.377   1.00 0.00 ? 2 DG  B C2     1 
ATOM   269 N N2     . DG  B 1 2 ? -4.393  4.283  5.455   1.00 0.00 ? 2 DG  B N2     1 
ATOM   270 N N3     . DG  B 1 2 ? -3.720  2.085  5.346   1.00 0.00 ? 2 DG  B N3     1 
ATOM   271 C C4     . DG  B 1 2 ? -2.618  1.310  5.265   1.00 0.00 ? 2 DG  B C4     1 
ATOM   272 H "H5'"  . DG  B 1 2 ? -3.435  -1.887 8.972   1.00 0.00 ? 2 DG  B "H5'"  1 
ATOM   273 H "H5''" . DG  B 1 2 ? -3.262  -3.566 8.416   1.00 0.00 ? 2 DG  B "H5''" 1 
ATOM   274 H "H4'"  . DG  B 1 2 ? -5.309  -2.501 7.591   1.00 0.00 ? 2 DG  B "H4'"  1 
ATOM   275 H "H3'"  . DG  B 1 2 ? -3.900  -4.173 6.096   1.00 0.00 ? 2 DG  B "H3'"  1 
ATOM   276 H "H2'"  . DG  B 1 2 ? -2.349  -2.645 5.144   1.00 0.00 ? 2 DG  B "H2'"  1 
ATOM   277 H "H2''" . DG  B 1 2 ? -3.574  -2.653 3.893   1.00 0.00 ? 2 DG  B "H2''" 1 
ATOM   278 H "H1'"  . DG  B 1 2 ? -4.507  -0.589 4.591   1.00 0.00 ? 2 DG  B "H1'"  1 
ATOM   279 H H8     . DG  B 1 2 ? -0.961  -1.454 5.058   1.00 0.00 ? 2 DG  B H8     1 
ATOM   280 H H1     . DG  B 1 2 ? -2.008  4.861  5.361   1.00 0.00 ? 2 DG  B H1     1 
ATOM   281 H H21    . DG  B 1 2 ? -4.168  5.268  5.461   1.00 0.00 ? 2 DG  B H21    1 
ATOM   282 H H22    . DG  B 1 2 ? -5.355  3.979  5.491   1.00 0.00 ? 2 DG  B H22    1 
ATOM   283 P P      . DC  B 1 3 ? -5.851  -4.267 4.008   1.00 0.00 ? 3 DC  B P      1 
ATOM   284 O OP1    . DC  B 1 3 ? -6.817  -5.326 4.392   1.00 0.00 ? 3 DC  B OP1    1 
ATOM   285 O OP2    . DC  B 1 3 ? -4.532  -4.649 3.441   1.00 0.00 ? 3 DC  B OP2    1 
ATOM   286 O "O5'"  . DC  B 1 3 ? -6.574  -3.293 2.973   1.00 0.00 ? 3 DC  B "O5'"  1 
ATOM   287 C "C5'"  . DC  B 1 3 ? -7.387  -2.209 3.432   1.00 0.00 ? 3 DC  B "C5'"  1 
ATOM   288 C "C4'"  . DC  B 1 3 ? -7.829  -1.349 2.271   1.00 0.00 ? 3 DC  B "C4'"  1 
ATOM   289 O "O4'"  . DC  B 1 3 ? -6.847  -0.305 2.075   1.00 0.00 ? 3 DC  B "O4'"  1 
ATOM   290 C "C3'"  . DC  B 1 3 ? -7.915  -2.067 0.926   1.00 0.00 ? 3 DC  B "C3'"  1 
ATOM   291 O "O3'"  . DC  B 1 3 ? -8.853  -1.391 0.077   1.00 0.00 ? 3 DC  B "O3'"  1 
ATOM   292 C "C2'"  . DC  B 1 3 ? -6.496  -1.948 0.402   1.00 0.00 ? 3 DC  B "C2'"  1 
ATOM   293 C "C1'"  . DC  B 1 3 ? -6.070  -0.571 0.914   1.00 0.00 ? 3 DC  B "C1'"  1 
ATOM   294 N N1     . DC  B 1 3 ? -4.646  -0.399 1.274   1.00 0.00 ? 3 DC  B N1     1 
ATOM   295 C C2     . DC  B 1 3 ? -4.111  0.898  1.269   1.00 0.00 ? 3 DC  B C2     1 
ATOM   296 O O2     . DC  B 1 3 ? -4.844  1.852  0.967   1.00 0.00 ? 3 DC  B O2     1 
ATOM   297 N N3     . DC  B 1 3 ? -2.811  1.078  1.591   1.00 0.00 ? 3 DC  B N3     1 
ATOM   298 C C4     . DC  B 1 3 ? -2.050  0.030  1.910   1.00 0.00 ? 3 DC  B C4     1 
ATOM   299 N N4     . DC  B 1 3 ? -0.774  0.258  2.223   1.00 0.00 ? 3 DC  B N4     1 
ATOM   300 C C5     . DC  B 1 3 ? -2.565  -1.298 1.922   1.00 0.00 ? 3 DC  B C5     1 
ATOM   301 C C6     . DC  B 1 3 ? -3.856  -1.464 1.604   1.00 0.00 ? 3 DC  B C6     1 
ATOM   302 H "H5'"  . DC  B 1 3 ? -6.816  -1.597 4.131   1.00 0.00 ? 3 DC  B "H5'"  1 
ATOM   303 H "H5''" . DC  B 1 3 ? -8.268  -2.601 3.940   1.00 0.00 ? 3 DC  B "H5''" 1 
ATOM   304 H "H4'"  . DC  B 1 3 ? -8.825  -0.969 2.495   1.00 0.00 ? 3 DC  B "H4'"  1 
ATOM   305 H "H3'"  . DC  B 1 3 ? -8.221  -3.106 1.051   1.00 0.00 ? 3 DC  B "H3'"  1 
ATOM   306 H "H2'"  . DC  B 1 3 ? -5.875  -2.746 0.790   1.00 0.00 ? 3 DC  B "H2'"  1 
ATOM   307 H "H2''" . DC  B 1 3 ? -6.464  -2.014 -0.681  1.00 0.00 ? 3 DC  B "H2''" 1 
ATOM   308 H "H1'"  . DC  B 1 3 ? -6.321  0.191  0.177   1.00 0.00 ? 3 DC  B "H1'"  1 
ATOM   309 H H41    . DC  B 1 3 ? -0.414  1.202  2.209   1.00 0.00 ? 3 DC  B H41    1 
ATOM   310 H H42    . DC  B 1 3 ? -0.167  -0.509 2.473   1.00 0.00 ? 3 DC  B H42    1 
ATOM   311 H H5     . DC  B 1 3 ? -1.932  -2.147 2.181   1.00 0.00 ? 3 DC  B H5     1 
ATOM   312 H H6     . DC  B 1 3 ? -4.276  -2.462 1.614   1.00 0.00 ? 3 DC  B H6     1 
ATOM   313 P P      . DG  B 1 4 ? -9.346  -2.080 -1.291  1.00 0.00 ? 4 DG  B P      1 
ATOM   314 O OP1    . DG  B 1 4 ? -10.679 -2.688 -1.048  1.00 0.00 ? 4 DG  B OP1    1 
ATOM   315 O OP2    . DG  B 1 4 ? -8.239  -2.925 -1.809  1.00 0.00 ? 4 DG  B OP2    1 
ATOM   316 O "O5'"  . DG  B 1 4 ? -9.534  -0.851 -2.288  1.00 0.00 ? 4 DG  B "O5'"  1 
ATOM   317 C "C5'"  . DG  B 1 4 ? -10.119 0.376  -1.838  1.00 0.00 ? 4 DG  B "C5'"  1 
ATOM   318 C "C4'"  . DG  B 1 4 ? -9.931  1.463  -2.872  1.00 0.00 ? 4 DG  B "C4'"  1 
ATOM   319 O "O4'"  . DG  B 1 4 ? -8.611  2.033  -2.704  1.00 0.00 ? 4 DG  B "O4'"  1 
ATOM   320 C "C3'"  . DG  B 1 4 ? -9.983  1.025  -4.332  1.00 0.00 ? 4 DG  B "C3'"  1 
ATOM   321 O "O3'"  . DG  B 1 4 ? -10.380 2.111  -5.178  1.00 0.00 ? 4 DG  B "O3'"  1 
ATOM   322 C "C2'"  . DG  B 1 4 ? -8.553  0.612  -4.603  1.00 0.00 ? 4 DG  B "C2'"  1 
ATOM   323 C "C1'"  . DG  B 1 4 ? -7.754  1.594  -3.755  1.00 0.00 ? 4 DG  B "C1'"  1 
ATOM   324 N N9     . DG  B 1 4 ? -6.584  0.983  -3.141  1.00 0.00 ? 4 DG  B N9     1 
ATOM   325 C C8     . DG  B 1 4 ? -6.522  -0.299 -2.687  1.00 0.00 ? 4 DG  B C8     1 
ATOM   326 N N7     . DG  B 1 4 ? -5.364  -0.616 -2.178  1.00 0.00 ? 4 DG  B N7     1 
ATOM   327 C C5     . DG  B 1 4 ? -4.611  0.543  -2.306  1.00 0.00 ? 4 DG  B C5     1 
ATOM   328 C C6     . DG  B 1 4 ? -3.273  0.814  -1.929  1.00 0.00 ? 4 DG  B C6     1 
ATOM   329 O O6     . DG  B 1 4 ? -2.460  0.062  -1.382  1.00 0.00 ? 4 DG  B O6     1 
ATOM   330 N N1     . DG  B 1 4 ? -2.906  2.117  -2.247  1.00 0.00 ? 4 DG  B N1     1 
ATOM   331 C C2     . DG  B 1 4 ? -3.725  3.044  -2.842  1.00 0.00 ? 4 DG  B C2     1 
ATOM   332 N N2     . DG  B 1 4 ? -3.187  4.250  -3.066  1.00 0.00 ? 4 DG  B N2     1 
ATOM   333 N N3     . DG  B 1 4 ? -4.978  2.807  -3.192  1.00 0.00 ? 4 DG  B N3     1 
ATOM   334 C C4     . DG  B 1 4 ? -5.352  1.543  -2.899  1.00 0.00 ? 4 DG  B C4     1 
ATOM   335 H "H5'"  . DG  B 1 4 ? -9.646  0.686  -0.906  1.00 0.00 ? 4 DG  B "H5'"  1 
ATOM   336 H "H5''" . DG  B 1 4 ? -11.186 0.230  -1.665  1.00 0.00 ? 4 DG  B "H5''" 1 
ATOM   337 H "H4'"  . DG  B 1 4 ? -10.729 2.192  -2.733  1.00 0.00 ? 4 DG  B "H4'"  1 
ATOM   338 H "H3'"  . DG  B 1 4 ? -10.670 0.191  -4.462  1.00 0.00 ? 4 DG  B "H3'"  1 
ATOM   339 H "H2'"  . DG  B 1 4 ? -8.379  -0.423 -4.314  1.00 0.00 ? 4 DG  B "H2'"  1 
ATOM   340 H "H2''" . DG  B 1 4 ? -8.310  0.702  -5.660  1.00 0.00 ? 4 DG  B "H2''" 1 
ATOM   341 H "H1'"  . DG  B 1 4 ? -7.438  2.453  -4.330  1.00 0.00 ? 4 DG  B "H1'"  1 
ATOM   342 H H8     . DG  B 1 4 ? -7.357  -0.973 -2.753  1.00 0.00 ? 4 DG  B H8     1 
ATOM   343 H H1     . DG  B 1 4 ? -1.962  2.401  -2.023  1.00 0.00 ? 4 DG  B H1     1 
ATOM   344 H H21    . DG  B 1 4 ? -2.228  4.440  -2.805  1.00 0.00 ? 4 DG  B H21    1 
ATOM   345 H H22    . DG  B 1 4 ? -3.746  4.969  -3.501  1.00 0.00 ? 4 DG  B H22    1 
ATOM   346 P P      . DC  B 1 5 ? -10.817 1.821  -6.699  1.00 0.00 ? 5 DC  B P      1 
ATOM   347 O OP1    . DC  B 1 5 ? -12.232 2.251  -6.843  1.00 0.00 ? 5 DC  B OP1    1 
ATOM   348 O OP2    . DC  B 1 5 ? -10.437 0.427  -7.044  1.00 0.00 ? 5 DC  B OP2    1 
ATOM   349 O "O5'"  . DC  B 1 5 ? -9.901  2.806  -7.556  1.00 0.00 ? 5 DC  B "O5'"  1 
ATOM   350 C "C5'"  . DC  B 1 5 ? -10.397 4.064  -8.013  1.00 0.00 ? 5 DC  B "C5'"  1 
ATOM   351 C "C4'"  . DC  B 1 5 ? -9.322  5.126  -7.926  1.00 0.00 ? 5 DC  B "C4'"  1 
ATOM   352 O "O4'"  . DC  B 1 5 ? -8.212  4.592  -7.160  1.00 0.00 ? 5 DC  B "O4'"  1 
ATOM   353 C "C3'"  . DC  B 1 5 ? -8.711  5.538  -9.263  1.00 0.00 ? 5 DC  B "C3'"  1 
ATOM   354 O "O3'"  . DC  B 1 5 ? -8.184  6.869  -9.204  1.00 0.00 ? 5 DC  B "O3'"  1 
ATOM   355 C "C2'"  . DC  B 1 5 ? -7.604  4.521  -9.444  1.00 0.00 ? 5 DC  B "C2'"  1 
ATOM   356 C "C1'"  . DC  B 1 5 ? -7.119  4.289  -8.026  1.00 0.00 ? 5 DC  B "C1'"  1 
ATOM   357 N N1     . DC  B 1 5 ? -6.677  2.911  -7.752  1.00 0.00 ? 5 DC  B N1     1 
ATOM   358 C C2     . DC  B 1 5 ? -5.378  2.699  -7.276  1.00 0.00 ? 5 DC  B C2     1 
ATOM   359 O O2     . DC  B 1 5 ? -4.635  3.676  -7.099  1.00 0.00 ? 5 DC  B O2     1 
ATOM   360 N N3     . DC  B 1 5 ? -4.964  1.436  -7.023  1.00 0.00 ? 5 DC  B N3     1 
ATOM   361 C C4     . DC  B 1 5 ? -5.793  0.411  -7.230  1.00 0.00 ? 5 DC  B C4     1 
ATOM   362 N N4     . DC  B 1 5 ? -5.343  -0.818 -6.965  1.00 0.00 ? 5 DC  B N4     1 
ATOM   363 C C5     . DC  B 1 5 ? -7.120  0.597  -7.716  1.00 0.00 ? 5 DC  B C5     1 
ATOM   364 C C6     . DC  B 1 5 ? -7.516  1.853  -7.960  1.00 0.00 ? 5 DC  B C6     1 
ATOM   365 H "H5'"  . DC  B 1 5 ? -11.246 4.368  -7.399  1.00 0.00 ? 5 DC  B "H5'"  1 
ATOM   366 H "H5''" . DC  B 1 5 ? -10.723 3.973  -9.049  1.00 0.00 ? 5 DC  B "H5''" 1 
ATOM   367 H "H4'"  . DC  B 1 5 ? -9.764  6.020  -7.485  1.00 0.00 ? 5 DC  B "H4'"  1 
ATOM   368 H "H3'"  . DC  B 1 5 ? -9.448  5.476  -10.061 1.00 0.00 ? 5 DC  B "H3'"  1 
ATOM   369 H "H2'"  . DC  B 1 5 ? -7.955  3.612  -9.922  1.00 0.00 ? 5 DC  B "H2'"  1 
ATOM   370 H "H2''" . DC  B 1 5 ? -6.786  4.916  -10.037 1.00 0.00 ? 5 DC  B "H2''" 1 
ATOM   371 H "H1'"  . DC  B 1 5 ? -6.301  4.970  -7.784  1.00 0.00 ? 5 DC  B "H1'"  1 
ATOM   372 H H41    . DC  B 1 5 ? -4.404  -0.946 -6.615  1.00 0.00 ? 5 DC  B H41    1 
ATOM   373 H H42    . DC  B 1 5 ? -5.944  -1.616 -7.111  1.00 0.00 ? 5 DC  B H42    1 
ATOM   374 H H5     . DC  B 1 5 ? -7.786  -0.250 -7.882  1.00 0.00 ? 5 DC  B H5     1 
ATOM   375 H H6     . DC  B 1 5 ? -8.525  2.031  -8.331  1.00 0.00 ? 5 DC  B H6     1 
ATOM   376 P P      . DA  B 1 6 ? -8.331  7.841  -10.479 1.00 0.00 ? 6 DA  B P      1 
ATOM   377 O OP1    . DA  B 1 6 ? -9.001  9.081  -10.010 1.00 0.00 ? 6 DA  B OP1    1 
ATOM   378 O OP2    . DA  B 1 6 ? -8.919  7.072  -11.606 1.00 0.00 ? 6 DA  B OP2    1 
ATOM   379 O "O5'"  . DA  B 1 6 ? -6.828  8.204  -10.868 1.00 0.00 ? 6 DA  B "O5'"  1 
ATOM   380 C "C5'"  . DA  B 1 6 ? -6.430  9.560  -11.073 1.00 0.00 ? 6 DA  B "C5'"  1 
ATOM   381 C "C4'"  . DA  B 1 6 ? -4.930  9.653  -11.239 1.00 0.00 ? 6 DA  B "C4'"  1 
ATOM   382 O "O4'"  . DA  B 1 6 ? -4.334  8.419  -10.777 1.00 0.00 ? 6 DA  B "O4'"  1 
ATOM   383 C "C3'"  . DA  B 1 6 ? -4.411  9.819  -12.663 1.00 0.00 ? 6 DA  B "C3'"  1 
ATOM   384 O "O3'"  . DA  B 1 6 ? -3.141  10.480 -12.673 1.00 0.00 ? 6 DA  B "O3'"  1 
ATOM   385 C "C2'"  . DA  B 1 6 ? -4.303  8.393  -13.150 1.00 0.00 ? 6 DA  B "C2'"  1 
ATOM   386 C "C1'"  . DA  B 1 6 ? -3.892  7.642  -11.890 1.00 0.00 ? 6 DA  B "C1'"  1 
ATOM   387 N N9     . DA  B 1 6 ? -4.525  6.331  -11.787 1.00 0.00 ? 6 DA  B N9     1 
ATOM   388 C C8     . DA  B 1 6 ? -5.812  6.030  -12.148 1.00 0.00 ? 6 DA  B C8     1 
ATOM   389 N N7     . DA  B 1 6 ? -6.137  4.776  -11.948 1.00 0.00 ? 6 DA  B N7     1 
ATOM   390 C C5     . DA  B 1 6 ? -4.983  4.215  -11.415 1.00 0.00 ? 6 DA  B C5     1 
ATOM   391 C C6     . DA  B 1 6 ? -4.676  2.913  -10.981 1.00 0.00 ? 6 DA  B C6     1 
ATOM   392 N N6     . DA  B 1 6 ? -5.541  1.898  -11.016 1.00 0.00 ? 6 DA  B N6     1 
ATOM   393 N N1     . DA  B 1 6 ? -3.433  2.687  -10.504 1.00 0.00 ? 6 DA  B N1     1 
ATOM   394 C C2     . DA  B 1 6 ? -2.566  3.706  -10.467 1.00 0.00 ? 6 DA  B C2     1 
ATOM   395 N N3     . DA  B 1 6 ? -2.737  4.972  -10.842 1.00 0.00 ? 6 DA  B N3     1 
ATOM   396 C C4     . DA  B 1 6 ? -3.982  5.163  -11.313 1.00 0.00 ? 6 DA  B C4     1 
ATOM   397 H "H5'"  . DA  B 1 6 ? -6.731  10.163 -10.216 1.00 0.00 ? 6 DA  B "H5'"  1 
ATOM   398 H "H5''" . DA  B 1 6 ? -6.912  9.951  -11.970 1.00 0.00 ? 6 DA  B "H5''" 1 
ATOM   399 H "H4'"  . DA  B 1 6 ? -4.590  10.524 -10.678 1.00 0.00 ? 6 DA  B "H4'"  1 
ATOM   400 H "H3'"  . DA  B 1 6 ? -5.121  10.379 -13.263 1.00 0.00 ? 6 DA  B "H3'"  1 
ATOM   401 H "H2'"  . DA  B 1 6 ? -5.247  8.040  -13.555 1.00 0.00 ? 6 DA  B "H2'"  1 
ATOM   402 H "H2''" . DA  B 1 6 ? -3.553  8.298  -13.935 1.00 0.00 ? 6 DA  B "H2''" 1 
ATOM   403 H "H1'"  . DA  B 1 6 ? -2.811  7.522  -11.824 1.00 0.00 ? 6 DA  B "H1'"  1 
ATOM   404 H H8     . DA  B 1 6 ? -6.497  6.768  -12.553 1.00 0.00 ? 6 DA  B H8     1 
ATOM   405 H H61    . DA  B 1 6 ? -5.259  0.987  -10.682 1.00 0.00 ? 6 DA  B H61    1 
ATOM   406 H H62    . DA  B 1 6 ? -6.476  2.044  -11.368 1.00 0.00 ? 6 DA  B H62    1 
ATOM   407 H H2     . DA  B 1 6 ? -1.578  3.465  -10.073 1.00 0.00 ? 6 DA  B H2     1 
ATOM   408 P P      . DC  B 1 7 ? -2.662  11.269 -13.990 1.00 0.00 ? 7 DC  B P      1 
ATOM   409 O OP1    . DC  B 1 7 ? -3.817  12.063 -14.481 1.00 0.00 ? 7 DC  B OP1    1 
ATOM   410 O OP2    . DC  B 1 7 ? -1.999  10.299 -14.899 1.00 0.00 ? 7 DC  B OP2    1 
ATOM   411 O "O5'"  . DC  B 1 7 ? -1.559  12.286 -13.452 1.00 0.00 ? 7 DC  B "O5'"  1 
ATOM   412 C "C5'"  . DC  B 1 7 ? -1.126  12.252 -12.091 1.00 0.00 ? 7 DC  B "C5'"  1 
ATOM   413 C "C4'"  . DC  B 1 7 ? -0.850  13.653 -11.594 1.00 0.00 ? 7 DC  B "C4'"  1 
ATOM   414 O "O4'"  . DC  B 1 7 ? -1.941  14.508 -12.006 1.00 0.00 ? 7 DC  B "O4'"  1 
ATOM   415 C "C3'"  . DC  B 1 7 ? -0.783  13.806 -10.079 1.00 0.00 ? 7 DC  B "C3'"  1 
ATOM   416 O "O3'"  . DC  B 1 7 ? 0.020   14.930 -9.707  1.00 0.00 ? 7 DC  B "O3'"  1 
ATOM   417 C "C2'"  . DC  B 1 7 ? -2.235  14.025 -9.703  1.00 0.00 ? 7 DC  B "C2'"  1 
ATOM   418 C "C1'"  . DC  B 1 7 ? -2.763  14.826 -10.887 1.00 0.00 ? 7 DC  B "C1'"  1 
ATOM   419 N N1     . DC  B 1 7 ? -4.154  14.516 -11.249 1.00 0.00 ? 7 DC  B N1     1 
ATOM   420 C C2     . DC  B 1 7 ? -5.118  15.525 -11.175 1.00 0.00 ? 7 DC  B C2     1 
ATOM   421 O O2     . DC  B 1 7 ? -4.776  16.658 -10.805 1.00 0.00 ? 7 DC  B O2     1 
ATOM   422 N N3     . DC  B 1 7 ? -6.398  15.241 -11.507 1.00 0.00 ? 7 DC  B N3     1 
ATOM   423 C C4     . DC  B 1 7 ? -6.727  14.009 -11.901 1.00 0.00 ? 7 DC  B C4     1 
ATOM   424 N N4     . DC  B 1 7 ? -8.001  13.775 -12.218 1.00 0.00 ? 7 DC  B N4     1 
ATOM   425 C C5     . DC  B 1 7 ? -5.763  12.963 -11.988 1.00 0.00 ? 7 DC  B C5     1 
ATOM   426 C C6     . DC  B 1 7 ? -4.501  13.258 -11.654 1.00 0.00 ? 7 DC  B C6     1 
ATOM   427 H "H5'"  . DC  B 1 7 ? -0.213  11.662 -12.013 1.00 0.00 ? 7 DC  B "H5'"  1 
ATOM   428 H "H5''" . DC  B 1 7 ? -1.897  11.798 -11.470 1.00 0.00 ? 7 DC  B "H5''" 1 
ATOM   429 H "H4'"  . DC  B 1 7 ? 0.117   13.965 -11.991 1.00 0.00 ? 7 DC  B "H4'"  1 
ATOM   430 H "H3'"  . DC  B 1 7 ? -0.381  12.907 -9.616  1.00 0.00 ? 7 DC  B "H3'"  1 
ATOM   431 H "HO3'" . DC  B 1 7 ? -0.204  15.647 -10.305 1.00 0.00 ? 7 DC  B "HO3'" 1 
ATOM   432 H "H2'"  . DC  B 1 7 ? -2.759  13.080 -9.574  1.00 0.00 ? 7 DC  B "H2'"  1 
ATOM   433 H "H2''" . DC  B 1 7 ? -2.321  14.580 -8.768  1.00 0.00 ? 7 DC  B "H2''" 1 
ATOM   434 H "H1'"  . DC  B 1 7 ? -2.684  15.898 -10.702 1.00 0.00 ? 7 DC  B "H1'"  1 
ATOM   435 H H41    . DC  B 1 7 ? -8.676  14.522 -12.155 1.00 0.00 ? 7 DC  B H41    1 
ATOM   436 H H42    . DC  B 1 7 ? -8.286  12.855 -12.520 1.00 0.00 ? 7 DC  B H42    1 
ATOM   437 H H5     . DC  B 1 7 ? -6.044  11.961 -12.312 1.00 0.00 ? 7 DC  B H5     1 
ATOM   438 H H6     . DC  B 1 7 ? -3.737  12.481 -11.707 1.00 0.00 ? 7 DC  B H6     1 
HETATM 439 N N      . TRP C 2 . ? -2.328  -4.429 -12.997 1.00 0.00 ? 0 TRP A N      1 
HETATM 440 C CA     . TRP C 2 . ? -1.212  -3.440 -13.079 1.00 0.00 ? 0 TRP A CA     1 
HETATM 441 C C      . TRP C 2 . ? 0.004   -3.919 -12.285 1.00 0.00 ? 0 TRP A C      1 
HETATM 442 O O      . TRP C 2 . ? 1.064   -4.179 -12.850 1.00 0.00 ? 0 TRP A O      1 
HETATM 443 C CB     . TRP C 2 . ? -1.658  -2.072 -12.530 1.00 0.00 ? 0 TRP A CB     1 
HETATM 444 C CG     . TRP C 2 . ? -2.981  -1.531 -13.066 1.00 0.00 ? 0 TRP A CG     1 
HETATM 445 C CD1    . TRP C 2 . ? -4.137  -2.241 -13.326 1.00 0.00 ? 0 TRP A CD1    1 
HETATM 446 C CD2    . TRP C 2 . ? -3.293  -0.152 -13.394 1.00 0.00 ? 0 TRP A CD2    1 
HETATM 447 N NE1    . TRP C 2 . ? -5.118  -1.401 -13.786 1.00 0.00 ? 0 TRP A NE1    1 
HETATM 448 C CE2    . TRP C 2 . ? -4.633  -0.126 -13.840 1.00 0.00 ? 0 TRP A CE2    1 
HETATM 449 C CE3    . TRP C 2 . ? -2.583  1.067  -13.362 1.00 0.00 ? 0 TRP A CE3    1 
HETATM 450 C CZ2    . TRP C 2 . ? -5.267  1.045  -14.241 1.00 0.00 ? 0 TRP A CZ2    1 
HETATM 451 C CZ3    . TRP C 2 . ? -3.224  2.224  -13.764 1.00 0.00 ? 0 TRP A CZ3    1 
HETATM 452 C CH2    . TRP C 2 . ? -4.551  2.205  -14.197 1.00 0.00 ? 0 TRP A CH2    1 
HETATM 453 H H1     . TRP C 2 . ? -2.903  -4.195 -12.162 1.00 0.00 ? 0 TRP A H1     1 
HETATM 454 H H2     . TRP C 2 . ? -1.907  -5.376 -12.906 1.00 0.00 ? 0 TRP A H2     1 
HETATM 455 H H3     . TRP C 2 . ? -2.883  -4.356 -13.874 1.00 0.00 ? 0 TRP A H3     1 
HETATM 456 H HA     . TRP C 2 . ? -0.929  -3.323 -14.115 1.00 0.00 ? 0 TRP A HA     1 
HETATM 457 H HB2    . TRP C 2 . ? -1.726  -2.125 -11.451 1.00 0.00 ? 0 TRP A HB2    1 
HETATM 458 H HB3    . TRP C 2 . ? -0.886  -1.373 -12.781 1.00 0.00 ? 0 TRP A HB3    1 
HETATM 459 H HD1    . TRP C 2 . ? -4.255  -3.307 -13.189 1.00 0.00 ? 0 TRP A HD1    1 
HETATM 460 H HE1    . TRP C 2 . ? -6.025  -1.674 -14.037 1.00 0.00 ? 0 TRP A HE1    1 
HETATM 461 H HE3    . TRP C 2 . ? -1.560  1.121  -13.033 1.00 0.00 ? 0 TRP A HE3    1 
HETATM 462 H HZ2    . TRP C 2 . ? -6.293  1.050  -14.578 1.00 0.00 ? 0 TRP A HZ2    1 
HETATM 463 H HZ3    . TRP C 2 . ? -2.693  3.165  -13.744 1.00 0.00 ? 0 TRP A HZ3    1 
HETATM 464 H HH2    . TRP C 2 . ? -5.008  3.136  -14.501 1.00 0.00 ? 0 TRP A HH2    1 
HETATM 465 N N      . TRP D 2 . ? 2.462   4.243  12.933  1.00 0.00 ? 0 TRP B N      1 
HETATM 466 C CA     . TRP D 2 . ? 1.212   3.440  13.079  1.00 0.00 ? 0 TRP B CA     1 
HETATM 467 C C      . TRP D 2 . ? 1.459   1.972  12.727  1.00 0.00 ? 0 TRP B C      1 
HETATM 468 O O      . TRP D 2 . ? 1.295   1.087  13.564  1.00 0.00 ? 0 TRP B O      1 
HETATM 469 C CB     . TRP D 2 . ? 0.104   3.990  12.163  1.00 0.00 ? 0 TRP B CB     1 
HETATM 470 C CG     . TRP D 2 . ? -0.144  5.494  12.238  1.00 0.00 ? 0 TRP B CG     1 
HETATM 471 C CD1    . TRP D 2 . ? 0.799   6.495  12.354  1.00 0.00 ? 0 TRP B CD1    1 
HETATM 472 C CD2    . TRP D 2 . ? -1.425  6.173  12.184  1.00 0.00 ? 0 TRP B CD2    1 
HETATM 473 N NE1    . TRP D 2 . ? 0.189   7.722  12.377  1.00 0.00 ? 0 TRP B NE1    1 
HETATM 474 C CE2    . TRP D 2 . ? -1.162  7.557  12.277  1.00 0.00 ? 0 TRP B CE2    1 
HETATM 475 C CE3    . TRP D 2 . ? -2.771  5.761  12.068  1.00 0.00 ? 0 TRP B CE3    1 
HETATM 476 C CZ2    . TRP D 2 . ? -2.173  8.516  12.258  1.00 0.00 ? 0 TRP B CZ2    1 
HETATM 477 C CZ3    . TRP D 2 . ? -3.765  6.722  12.050  1.00 0.00 ? 0 TRP B CZ3    1 
HETATM 478 C CH2    . TRP D 2 . ? -3.461  8.082  12.145  1.00 0.00 ? 0 TRP B CH2    1 
HETATM 479 H H1     . TRP D 2 . ? 3.269   3.616  13.141  1.00 0.00 ? 0 TRP B H1     1 
HETATM 480 H H2     . TRP D 2 . ? 2.418   5.026  13.616  1.00 0.00 ? 0 TRP B H2     1 
HETATM 481 H H3     . TRP D 2 . ? 2.506   4.597  11.957  1.00 0.00 ? 0 TRP B H3     1 
HETATM 482 H HA     . TRP D 2 . ? 0.877   3.501  14.104  1.00 0.00 ? 0 TRP B HA     1 
HETATM 483 H HB2    . TRP D 2 . ? 0.329   3.733  11.135  1.00 0.00 ? 0 TRP B HB2    1 
HETATM 484 H HB3    . TRP D 2 . ? -0.802  3.488  12.441  1.00 0.00 ? 0 TRP B HB3    1 
HETATM 485 H HD1    . TRP D 2 . ? 1.866   6.340  12.422  1.00 0.00 ? 0 TRP B HD1    1 
HETATM 486 H HE1    . TRP D 2 . ? 0.651   8.582  12.452  1.00 0.00 ? 0 TRP B HE1    1 
HETATM 487 H HE3    . TRP D 2 . ? -3.043  4.723  11.992  1.00 0.00 ? 0 TRP B HE3    1 
HETATM 488 H HZ2    . TRP D 2 . ? -1.957  9.572  12.329  1.00 0.00 ? 0 TRP B HZ2    1 
HETATM 489 H HZ3    . TRP D 2 . ? -4.799  6.422  11.962  1.00 0.00 ? 0 TRP B HZ3    1 
HETATM 490 H HH2    . TRP D 2 . ? -4.274  8.795  12.127  1.00 0.00 ? 0 TRP B HH2    1 
# 
